data_4S0F
#
_entry.id   4S0F
#
_cell.length_a   230.000
_cell.length_b   230.000
_cell.length_c   89.400
_cell.angle_alpha   90.00
_cell.angle_beta   90.00
_cell.angle_gamma   90.00
#
_symmetry.space_group_name_H-M   'P 42 21 2'
#
loop_
_entity.id
_entity.type
_entity.pdbx_description
1 polymer 'ABC-type bacteriocin transporter'
2 non-polymer 'PHOSPHOTHIOPHOSPHORIC ACID-ADENYLATE ESTER'
#
_entity_poly.entity_id   1
_entity_poly.type   'polypeptide(L)'
_entity_poly.pdbx_seq_one_letter_code
;SNAMLRRLFKKKYVCVRQYDLTDCGAACLSSIAQYYGLKMSLAKIREMTGTDTQGTNAYGLIHAAKQLGFSAKGVKASKE
DLLKDFRLPAIANVIVDNRLAHFVVIYSIKNRIITVADPGKGIVRYSMDDFCSIWTGGLVLLEPGEAFQKGDYTQNMMVK
FAGFLKPLKKTVLCIFLASLLYTALGIAGSFYIKFLFDDLIKFEKLNDLHIISAGFAVIFLLQIFLNYYRSILVTKLGMS
IDKSIMMEYYSHVLKLPMNFFNSRKVGEIISRFMDASKIRQAISGATLTIMIDTIMAVIGGILLYIQNSSLFFISFIIIL
LYGIIVTVFNKPIQNANRQIMEDNAKLTSALVESVKGIETIKSFGAEEQTEKSTRDKIETVMKSSFKEGMLYINLSSLTG
IVAGLGGIVILWAGAYNVIKGNMSGGQLLAFNALLAYFLTPVKNLIDLQPLIQTAVVASNRLGEILELATEKELREDSDD
FVISLKGDIEFRNVDFRYGLRKPVLKNINLTIPKGKTVAIVGESGSGKTTLAKLLMNFYSPEKGDILINGHSIKNISLEL
IRKKIAFVSQDVFIFSGTVKENLCLGNENVDMDEIIKAAKMANAHDFIEKLPLKYDTFLNESGANLSEGQKQRLAIARAL
LKKPDILILDQATSNLDSITENHIKDAIYGLEDDVTVIIIAHRLSTIVNCDKIYLLKDGEIVESGSHTELIALKGCYFKM
WKQTENTLAS
;
_entity_poly.pdbx_strand_id   A,B
#
loop_
_chem_comp.id
_chem_comp.type
_chem_comp.name
_chem_comp.formula
AGS non-polymer 'PHOSPHOTHIOPHOSPHORIC ACID-ADENYLATE ESTER' 'C10 H16 N5 O12 P3 S'
#
# COMPACT_ATOMS: atom_id res chain seq x y z
N PHE A 161 19.90 4.95 16.79
CA PHE A 161 18.87 4.79 17.81
C PHE A 161 19.41 5.11 19.20
N ALA A 162 20.63 4.65 19.47
CA ALA A 162 21.27 4.88 20.76
C ALA A 162 21.48 6.37 21.02
N GLY A 163 21.89 7.10 19.98
CA GLY A 163 22.07 8.53 20.09
C GLY A 163 20.78 9.24 20.40
N PHE A 164 19.70 8.80 19.76
CA PHE A 164 18.37 9.35 20.00
C PHE A 164 17.92 9.08 21.43
N LEU A 165 18.21 7.89 21.92
CA LEU A 165 17.89 7.51 23.30
C LEU A 165 18.66 8.37 24.29
N LYS A 166 19.91 8.65 23.96
CA LYS A 166 20.78 9.49 24.79
C LYS A 166 20.26 10.92 24.89
N PRO A 167 19.69 11.43 23.79
CA PRO A 167 19.13 12.79 23.66
C PRO A 167 17.73 12.89 24.27
N LEU A 168 17.34 11.84 25.00
CA LEU A 168 16.03 11.79 25.64
C LEU A 168 16.18 11.09 26.99
N LYS A 169 17.40 11.12 27.49
CA LYS A 169 17.78 10.48 28.74
C LYS A 169 17.00 11.05 29.91
N LYS A 170 16.84 12.37 29.93
CA LYS A 170 16.12 13.04 31.01
C LYS A 170 14.65 12.61 31.08
N THR A 171 14.01 12.56 29.91
CA THR A 171 12.61 12.13 29.81
C THR A 171 12.49 10.69 30.29
N VAL A 172 13.45 9.87 29.89
CA VAL A 172 13.50 8.47 30.30
C VAL A 172 13.62 8.35 31.81
N LEU A 173 14.44 9.22 32.40
CA LEU A 173 14.62 9.23 33.85
C LEU A 173 13.33 9.61 34.57
N CYS A 174 12.64 10.62 34.03
CA CYS A 174 11.37 11.07 34.59
C CYS A 174 10.35 9.94 34.55
N ILE A 175 10.30 9.24 33.42
CA ILE A 175 9.38 8.14 33.23
C ILE A 175 9.69 6.98 34.18
N PHE A 176 10.97 6.67 34.31
CA PHE A 176 11.40 5.58 35.20
C PHE A 176 11.04 5.85 36.65
N LEU A 177 11.40 7.04 37.13
CA LEU A 177 11.12 7.41 38.51
C LEU A 177 9.62 7.43 38.78
N ALA A 178 8.87 8.03 37.86
CA ALA A 178 7.42 8.10 37.98
C ALA A 178 6.81 6.71 38.05
N SER A 179 7.29 5.82 37.20
CA SER A 179 6.81 4.44 37.17
C SER A 179 7.07 3.73 38.50
N LEU A 180 8.31 3.85 38.99
CA LEU A 180 8.69 3.21 40.25
C LEU A 180 7.80 3.67 41.39
N LEU A 181 7.67 4.98 41.53
CA LEU A 181 6.89 5.56 42.63
C LEU A 181 5.42 5.16 42.52
N TYR A 182 4.88 5.25 41.31
CA TYR A 182 3.49 4.89 41.05
C TYR A 182 3.20 3.44 41.43
N THR A 183 4.09 2.53 41.05
CA THR A 183 3.87 1.12 41.33
C THR A 183 3.99 0.83 42.83
N ALA A 184 4.97 1.47 43.47
CA ALA A 184 5.13 1.34 44.92
C ALA A 184 3.87 1.77 45.67
N LEU A 185 3.42 2.99 45.38
CA LEU A 185 2.20 3.52 45.98
C LEU A 185 0.98 2.66 45.69
N GLY A 186 0.93 2.09 44.48
CA GLY A 186 -0.16 1.22 44.10
C GLY A 186 -0.24 -0.04 44.94
N ILE A 187 0.89 -0.72 45.07
CA ILE A 187 0.96 -1.93 45.90
C ILE A 187 0.59 -1.60 47.33
N ALA A 188 1.19 -0.51 47.84
CA ALA A 188 0.88 -0.02 49.18
C ALA A 188 -0.62 0.18 49.39
N GLY A 189 -1.29 0.79 48.42
CA GLY A 189 -2.72 1.04 48.52
C GLY A 189 -3.61 -0.19 48.41
N SER A 190 -3.13 -1.20 47.66
CA SER A 190 -3.90 -2.43 47.54
C SER A 190 -3.79 -3.17 48.87
N PHE A 191 -2.63 -3.04 49.50
CA PHE A 191 -2.42 -3.60 50.83
C PHE A 191 -3.20 -2.77 51.85
N TYR A 192 -3.47 -1.51 51.51
CA TYR A 192 -4.34 -0.67 52.32
C TYR A 192 -5.75 -1.23 52.29
N ILE A 193 -6.18 -1.71 51.13
CA ILE A 193 -7.47 -2.39 51.02
C ILE A 193 -7.46 -3.68 51.84
N LYS A 194 -6.33 -4.39 51.79
CA LYS A 194 -6.17 -5.63 52.55
C LYS A 194 -6.35 -5.40 54.05
N PHE A 195 -5.59 -4.44 54.58
CA PHE A 195 -5.68 -4.08 55.99
C PHE A 195 -7.06 -3.54 56.32
N LEU A 196 -7.67 -2.85 55.37
CA LEU A 196 -9.03 -2.35 55.52
C LEU A 196 -9.99 -3.49 55.84
N PHE A 197 -9.99 -4.51 54.98
CA PHE A 197 -10.87 -5.66 55.17
C PHE A 197 -10.51 -6.44 56.43
N ASP A 198 -9.22 -6.51 56.73
CA ASP A 198 -8.70 -7.30 57.85
C ASP A 198 -8.92 -6.65 59.21
N ASP A 199 -8.90 -5.32 59.26
CA ASP A 199 -9.00 -4.59 60.51
C ASP A 199 -10.44 -4.34 60.91
N LEU A 200 -11.28 -4.01 59.92
CA LEU A 200 -12.65 -3.59 60.17
C LEU A 200 -13.48 -4.69 60.82
N ILE A 201 -13.23 -5.95 60.46
CA ILE A 201 -14.01 -7.06 60.99
C ILE A 201 -13.58 -7.47 62.39
N LYS A 202 -12.28 -7.43 62.66
CA LYS A 202 -11.77 -7.84 63.96
C LYS A 202 -11.97 -6.77 65.06
N PHE A 203 -11.81 -5.50 64.70
CA PHE A 203 -11.92 -4.43 65.68
C PHE A 203 -13.18 -3.56 65.57
N GLU A 204 -13.94 -3.74 64.49
CA GLU A 204 -15.23 -3.07 64.31
C GLU A 204 -15.09 -1.55 64.41
N LYS A 205 -14.49 -0.93 63.40
CA LYS A 205 -14.32 0.52 63.37
C LYS A 205 -14.86 1.19 62.11
N LEU A 206 -16.02 1.82 62.21
CA LEU A 206 -16.67 2.45 61.07
C LEU A 206 -15.91 3.71 60.57
N ASN A 207 -15.64 4.62 61.50
CA ASN A 207 -14.97 5.87 61.17
C ASN A 207 -13.59 5.64 60.55
N ASP A 208 -12.81 4.78 61.20
CA ASP A 208 -11.49 4.42 60.70
C ASP A 208 -11.58 3.78 59.32
N LEU A 209 -12.65 3.02 59.10
CA LEU A 209 -12.90 2.40 57.81
C LEU A 209 -13.08 3.47 56.73
N HIS A 210 -13.96 4.43 57.01
CA HIS A 210 -14.21 5.53 56.07
C HIS A 210 -12.93 6.30 55.75
N ILE A 211 -12.23 6.73 56.80
CA ILE A 211 -10.99 7.48 56.65
C ILE A 211 -9.95 6.72 55.83
N ILE A 212 -9.71 5.48 56.19
CA ILE A 212 -8.77 4.62 55.48
C ILE A 212 -9.13 4.49 54.01
N SER A 213 -10.41 4.27 53.75
CA SER A 213 -10.93 4.18 52.38
C SER A 213 -10.56 5.43 51.59
N ALA A 214 -10.81 6.59 52.19
CA ALA A 214 -10.47 7.87 51.56
C ALA A 214 -8.98 7.96 51.25
N GLY A 215 -8.15 7.62 52.22
CA GLY A 215 -6.70 7.67 52.04
C GLY A 215 -6.22 6.79 50.89
N PHE A 216 -6.66 5.55 50.88
CA PHE A 216 -6.26 4.61 49.84
C PHE A 216 -6.73 5.10 48.48
N ALA A 217 -7.92 5.70 48.45
CA ALA A 217 -8.44 6.32 47.24
C ALA A 217 -7.47 7.39 46.71
N VAL A 218 -7.04 8.27 47.60
CA VAL A 218 -6.10 9.32 47.24
C VAL A 218 -4.80 8.75 46.66
N ILE A 219 -4.25 7.75 47.36
CA ILE A 219 -3.03 7.08 46.89
C ILE A 219 -3.21 6.55 45.46
N PHE A 220 -4.33 5.86 45.24
CA PHE A 220 -4.66 5.33 43.92
C PHE A 220 -4.70 6.44 42.88
N LEU A 221 -5.29 7.58 43.24
CA LEU A 221 -5.40 8.71 42.32
C LEU A 221 -4.02 9.23 41.91
N LEU A 222 -3.13 9.37 42.88
CA LEU A 222 -1.77 9.85 42.60
C LEU A 222 -1.05 8.88 41.67
N GLN A 223 -1.18 7.58 41.97
CA GLN A 223 -0.60 6.54 41.12
C GLN A 223 -1.10 6.67 39.68
N ILE A 224 -2.41 6.90 39.53
CA ILE A 224 -3.03 7.01 38.23
C ILE A 224 -2.50 8.21 37.44
N PHE A 225 -2.32 9.34 38.12
CA PHE A 225 -1.83 10.53 37.43
C PHE A 225 -0.38 10.33 37.00
N LEU A 226 0.38 9.58 37.81
CA LEU A 226 1.78 9.32 37.50
C LEU A 226 1.88 8.44 36.26
N ASN A 227 1.11 7.34 36.26
CA ASN A 227 1.07 6.45 35.09
C ASN A 227 0.60 7.21 33.85
N TYR A 228 -0.31 8.17 34.04
CA TYR A 228 -0.79 9.02 32.97
C TYR A 228 0.36 9.78 32.30
N TYR A 229 1.05 10.60 33.09
CA TYR A 229 2.12 11.44 32.53
C TYR A 229 3.23 10.59 31.91
N ARG A 230 3.57 9.49 32.59
CA ARG A 230 4.59 8.57 32.09
C ARG A 230 4.21 8.01 30.71
N SER A 231 2.97 7.53 30.60
CA SER A 231 2.47 6.97 29.35
C SER A 231 2.50 7.99 28.23
N ILE A 232 2.11 9.23 28.56
CA ILE A 232 2.16 10.31 27.57
C ILE A 232 3.58 10.50 27.02
N LEU A 233 4.55 10.66 27.93
CA LEU A 233 5.94 10.86 27.53
C LEU A 233 6.46 9.72 26.66
N VAL A 234 6.27 8.48 27.14
CA VAL A 234 6.77 7.31 26.43
C VAL A 234 6.13 7.20 25.04
N THR A 235 4.86 7.56 24.95
CA THR A 235 4.15 7.56 23.67
C THR A 235 4.80 8.53 22.70
N LYS A 236 5.00 9.77 23.16
CA LYS A 236 5.63 10.79 22.32
C LYS A 236 6.98 10.33 21.79
N LEU A 237 7.86 9.91 22.70
CA LEU A 237 9.19 9.42 22.31
C LEU A 237 9.09 8.29 21.27
N GLY A 238 8.28 7.29 21.58
CA GLY A 238 8.05 6.16 20.69
C GLY A 238 7.68 6.57 19.27
N MET A 239 6.66 7.42 19.16
CA MET A 239 6.18 7.82 17.84
C MET A 239 7.22 8.64 17.10
N SER A 240 8.00 9.42 17.83
CA SER A 240 9.08 10.19 17.23
C SER A 240 10.12 9.26 16.59
N ILE A 241 10.54 8.26 17.36
CA ILE A 241 11.48 7.27 16.87
C ILE A 241 10.93 6.55 15.64
N ASP A 242 9.65 6.18 15.71
CA ASP A 242 8.96 5.56 14.58
C ASP A 242 9.08 6.40 13.30
N LYS A 243 8.67 7.65 13.37
CA LYS A 243 8.74 8.56 12.24
C LYS A 243 10.17 8.65 11.68
N SER A 244 11.13 8.82 12.58
CA SER A 244 12.54 8.91 12.17
C SER A 244 12.98 7.68 11.38
N ILE A 245 12.72 6.49 11.94
CA ILE A 245 13.09 5.24 11.30
C ILE A 245 12.45 5.08 9.92
N MET A 246 11.13 5.29 9.86
CA MET A 246 10.41 5.18 8.59
C MET A 246 11.00 6.10 7.52
N MET A 247 11.24 7.35 7.90
CA MET A 247 11.80 8.34 6.97
C MET A 247 13.18 7.90 6.48
N GLU A 248 14.00 7.40 7.40
CA GLU A 248 15.32 6.90 7.06
C GLU A 248 15.24 5.77 6.03
N TYR A 249 14.36 4.81 6.29
CA TYR A 249 14.15 3.69 5.38
C TYR A 249 13.75 4.16 3.98
N TYR A 250 12.74 5.01 3.91
CA TYR A 250 12.25 5.52 2.63
C TYR A 250 13.34 6.27 1.86
N SER A 251 14.08 7.11 2.57
CA SER A 251 15.17 7.87 1.97
C SER A 251 16.27 6.95 1.43
N HIS A 252 16.63 5.94 2.21
CA HIS A 252 17.69 5.02 1.82
C HIS A 252 17.26 4.14 0.65
N VAL A 253 15.96 3.90 0.54
CA VAL A 253 15.43 3.11 -0.57
C VAL A 253 15.26 3.99 -1.81
N LEU A 254 15.23 5.29 -1.59
CA LEU A 254 15.13 6.25 -2.69
C LEU A 254 16.47 6.45 -3.39
N LYS A 255 17.54 6.45 -2.60
CA LYS A 255 18.89 6.66 -3.13
C LYS A 255 19.49 5.41 -3.79
N LEU A 256 18.70 4.36 -3.89
CA LEU A 256 19.19 3.10 -4.45
C LEU A 256 19.21 3.12 -5.98
N PRO A 257 20.19 2.40 -6.57
CA PRO A 257 20.41 2.32 -8.02
C PRO A 257 19.23 1.72 -8.78
N MET A 258 19.32 1.73 -10.11
CA MET A 258 18.23 1.28 -10.95
C MET A 258 18.01 -0.23 -10.92
N ASN A 259 19.09 -0.97 -10.67
CA ASN A 259 19.02 -2.44 -10.73
C ASN A 259 18.17 -3.05 -9.62
N PHE A 260 18.30 -2.51 -8.41
CA PHE A 260 17.56 -3.03 -7.26
C PHE A 260 16.08 -2.69 -7.37
N PHE A 261 15.78 -1.54 -7.95
CA PHE A 261 14.40 -1.13 -8.19
C PHE A 261 13.77 -1.92 -9.32
N ASN A 262 14.56 -2.20 -10.35
CA ASN A 262 14.10 -2.99 -11.49
C ASN A 262 13.89 -4.46 -11.13
N SER A 263 14.65 -4.93 -10.15
CA SER A 263 14.59 -6.33 -9.74
C SER A 263 13.25 -6.65 -9.05
N ARG A 264 12.60 -5.62 -8.53
CA ARG A 264 11.33 -5.79 -7.81
C ARG A 264 10.27 -4.83 -8.32
N LYS A 265 9.13 -4.78 -7.62
CA LYS A 265 8.04 -3.90 -8.03
C LYS A 265 7.63 -2.93 -6.92
N VAL A 266 6.79 -1.97 -7.28
CA VAL A 266 6.26 -0.98 -6.34
C VAL A 266 5.59 -1.61 -5.12
N GLY A 267 4.77 -2.63 -5.37
CA GLY A 267 4.05 -3.32 -4.32
C GLY A 267 4.91 -3.80 -3.18
N GLU A 268 6.11 -4.27 -3.50
CA GLU A 268 7.07 -4.69 -2.50
C GLU A 268 7.38 -3.56 -1.51
N ILE A 269 7.95 -2.48 -2.01
CA ILE A 269 8.36 -1.36 -1.17
C ILE A 269 7.18 -0.74 -0.43
N ILE A 270 6.02 -0.68 -1.07
CA ILE A 270 4.85 -0.08 -0.43
C ILE A 270 4.35 -0.95 0.72
N SER A 271 4.28 -2.26 0.47
CA SER A 271 3.87 -3.23 1.48
C SER A 271 4.82 -3.17 2.68
N ARG A 272 6.11 -3.16 2.39
CA ARG A 272 7.13 -3.09 3.43
C ARG A 272 6.95 -1.82 4.24
N PHE A 273 6.67 -0.71 3.55
CA PHE A 273 6.38 0.56 4.19
C PHE A 273 5.25 0.44 5.22
N MET A 274 4.06 0.07 4.74
CA MET A 274 2.88 0.02 5.61
C MET A 274 3.07 -0.97 6.78
N ASP A 275 3.60 -2.14 6.45
CA ASP A 275 3.79 -3.20 7.43
C ASP A 275 4.76 -2.76 8.53
N ALA A 276 5.92 -2.27 8.12
CA ALA A 276 6.94 -1.80 9.07
C ALA A 276 6.40 -0.65 9.93
N SER A 277 5.58 0.20 9.34
CA SER A 277 4.96 1.30 10.08
C SER A 277 4.07 0.78 11.21
N LYS A 278 3.13 -0.10 10.84
CA LYS A 278 2.22 -0.68 11.83
C LYS A 278 3.02 -1.38 12.93
N ILE A 279 4.04 -2.11 12.51
CA ILE A 279 4.95 -2.78 13.44
C ILE A 279 5.61 -1.78 14.39
N ARG A 280 5.92 -0.59 13.88
CA ARG A 280 6.54 0.45 14.70
C ARG A 280 5.58 0.98 15.77
N GLN A 281 4.33 1.24 15.39
CA GLN A 281 3.35 1.74 16.37
C GLN A 281 3.12 0.67 17.45
N ALA A 282 3.00 -0.57 16.98
CA ALA A 282 2.88 -1.71 17.88
C ALA A 282 4.10 -1.77 18.80
N ILE A 283 5.25 -1.38 18.27
CA ILE A 283 6.49 -1.37 19.04
C ILE A 283 6.49 -0.28 20.12
N SER A 284 5.75 0.81 19.88
CA SER A 284 5.71 1.89 20.85
C SER A 284 4.71 1.58 21.96
N GLY A 285 3.66 0.82 21.63
CA GLY A 285 2.72 0.46 22.68
C GLY A 285 3.33 -0.67 23.49
N ALA A 286 4.03 -1.55 22.79
CA ALA A 286 4.83 -2.59 23.42
C ALA A 286 5.90 -1.95 24.31
N THR A 287 6.38 -0.78 23.90
CA THR A 287 7.36 -0.03 24.68
C THR A 287 6.76 0.47 26.00
N LEU A 288 5.55 1.03 25.92
CA LEU A 288 4.86 1.49 27.14
C LEU A 288 4.69 0.31 28.10
N THR A 289 4.11 -0.77 27.59
CA THR A 289 3.90 -1.98 28.38
C THR A 289 5.23 -2.51 28.91
N ILE A 290 6.30 -2.30 28.14
CA ILE A 290 7.64 -2.76 28.54
C ILE A 290 8.15 -2.02 29.76
N MET A 291 8.03 -0.69 29.74
CA MET A 291 8.46 0.11 30.88
C MET A 291 7.69 -0.31 32.13
N ILE A 292 6.35 -0.33 31.99
CA ILE A 292 5.51 -0.66 33.13
C ILE A 292 5.82 -2.05 33.69
N ASP A 293 5.99 -3.02 32.78
CA ASP A 293 6.28 -4.40 33.14
C ASP A 293 7.64 -4.57 33.80
N THR A 294 8.62 -3.82 33.31
CA THR A 294 9.97 -3.89 33.89
C THR A 294 9.96 -3.39 35.33
N ILE A 295 9.40 -2.19 35.52
CA ILE A 295 9.38 -1.60 36.86
C ILE A 295 8.58 -2.49 37.81
N MET A 296 7.45 -2.99 37.31
CA MET A 296 6.58 -3.87 38.09
C MET A 296 7.27 -5.20 38.41
N ALA A 297 8.16 -5.64 37.52
CA ALA A 297 8.90 -6.88 37.75
C ALA A 297 9.93 -6.71 38.85
N VAL A 298 10.61 -5.57 38.85
CA VAL A 298 11.59 -5.30 39.91
C VAL A 298 10.91 -5.15 41.28
N ILE A 299 9.99 -4.20 41.35
CA ILE A 299 9.27 -3.92 42.59
C ILE A 299 8.53 -5.16 43.08
N GLY A 300 7.80 -5.80 42.17
CA GLY A 300 7.06 -7.01 42.48
C GLY A 300 7.96 -8.13 42.96
N GLY A 301 9.16 -8.22 42.39
CA GLY A 301 10.11 -9.24 42.81
C GLY A 301 10.54 -9.02 44.24
N ILE A 302 10.93 -7.78 44.55
CA ILE A 302 11.34 -7.45 45.92
C ILE A 302 10.23 -7.70 46.93
N LEU A 303 9.06 -7.13 46.65
CA LEU A 303 7.91 -7.22 47.54
C LEU A 303 7.45 -8.67 47.75
N LEU A 304 7.43 -9.45 46.68
CA LEU A 304 7.05 -10.85 46.76
C LEU A 304 8.06 -11.64 47.58
N TYR A 305 9.34 -11.32 47.41
CA TYR A 305 10.39 -11.98 48.16
C TYR A 305 10.26 -11.71 49.65
N ILE A 306 9.98 -10.46 50.00
CA ILE A 306 9.84 -10.07 51.39
C ILE A 306 8.54 -10.56 52.06
N GLN A 307 7.45 -10.59 51.30
CA GLN A 307 6.13 -10.85 51.86
C GLN A 307 5.88 -12.28 52.33
N ASN A 308 6.26 -13.26 51.50
CA ASN A 308 5.96 -14.65 51.82
C ASN A 308 6.77 -15.63 50.97
N SER A 309 7.54 -16.49 51.65
CA SER A 309 8.42 -17.45 50.98
C SER A 309 7.66 -18.45 50.11
N SER A 310 6.59 -19.03 50.66
CA SER A 310 5.82 -20.04 49.93
C SER A 310 5.08 -19.42 48.76
N LEU A 311 4.53 -18.23 48.99
CA LEU A 311 3.85 -17.48 47.94
C LEU A 311 4.86 -17.06 46.88
N PHE A 312 6.08 -16.78 47.31
CA PHE A 312 7.16 -16.46 46.38
C PHE A 312 7.51 -17.67 45.53
N PHE A 313 7.44 -18.85 46.13
CA PHE A 313 7.67 -20.09 45.39
C PHE A 313 6.59 -20.30 44.33
N ILE A 314 5.34 -20.07 44.74
CA ILE A 314 4.21 -20.15 43.81
C ILE A 314 4.39 -19.19 42.64
N SER A 315 4.65 -17.93 42.97
CA SER A 315 4.91 -16.89 41.96
C SER A 315 6.05 -17.28 41.02
N PHE A 316 7.09 -17.89 41.59
CA PHE A 316 8.23 -18.34 40.81
C PHE A 316 7.82 -19.42 39.82
N ILE A 317 6.99 -20.35 40.27
CA ILE A 317 6.47 -21.41 39.40
C ILE A 317 5.65 -20.81 38.26
N ILE A 318 4.78 -19.85 38.61
CA ILE A 318 3.94 -19.19 37.62
C ILE A 318 4.78 -18.47 36.56
N ILE A 319 5.75 -17.67 37.01
CA ILE A 319 6.66 -16.97 36.13
C ILE A 319 7.44 -17.92 35.23
N LEU A 320 7.86 -19.05 35.81
CA LEU A 320 8.61 -20.05 35.06
C LEU A 320 7.77 -20.65 33.93
N LEU A 321 6.55 -21.08 34.26
CA LEU A 321 5.65 -21.66 33.27
C LEU A 321 5.33 -20.64 32.17
N TYR A 322 5.02 -19.42 32.60
CA TYR A 322 4.73 -18.32 31.69
C TYR A 322 5.88 -18.11 30.71
N GLY A 323 7.10 -17.97 31.23
CA GLY A 323 8.28 -17.78 30.40
C GLY A 323 8.50 -18.91 29.41
N ILE A 324 8.42 -20.14 29.90
CA ILE A 324 8.63 -21.31 29.05
C ILE A 324 7.64 -21.36 27.90
N ILE A 325 6.36 -21.27 28.22
CA ILE A 325 5.31 -21.28 27.20
C ILE A 325 5.50 -20.13 26.21
N VAL A 326 5.77 -18.94 26.76
CA VAL A 326 5.94 -17.74 25.97
C VAL A 326 7.06 -17.87 24.93
N THR A 327 8.22 -18.37 25.35
CA THR A 327 9.34 -18.54 24.42
C THR A 327 9.07 -19.65 23.40
N VAL A 328 8.53 -20.76 23.89
CA VAL A 328 8.30 -21.94 23.07
C VAL A 328 7.26 -21.66 21.99
N PHE A 329 6.38 -20.71 22.26
CA PHE A 329 5.42 -20.26 21.25
C PHE A 329 5.98 -19.08 20.48
N ASN A 330 6.98 -18.41 21.06
CA ASN A 330 7.61 -17.25 20.44
C ASN A 330 8.38 -17.63 19.19
N LYS A 331 9.22 -18.67 19.30
CA LYS A 331 10.07 -19.08 18.18
C LYS A 331 9.25 -19.36 16.91
N PRO A 332 8.20 -20.17 17.04
CA PRO A 332 7.31 -20.55 15.93
C PRO A 332 6.49 -19.39 15.36
N ILE A 333 6.14 -18.44 16.21
CA ILE A 333 5.30 -17.31 15.81
C ILE A 333 5.94 -16.42 14.74
N GLN A 334 7.23 -16.15 14.90
CA GLN A 334 7.96 -15.27 14.00
C GLN A 334 7.93 -15.73 12.54
N ASN A 335 8.09 -17.04 12.33
CA ASN A 335 8.05 -17.61 10.99
C ASN A 335 6.71 -17.38 10.29
N ALA A 336 5.63 -17.76 10.97
CA ALA A 336 4.29 -17.57 10.44
C ALA A 336 3.98 -16.10 10.24
N ASN A 337 4.58 -15.26 11.08
CA ASN A 337 4.46 -13.81 10.92
C ASN A 337 5.10 -13.34 9.62
N ARG A 338 6.31 -13.85 9.36
CA ARG A 338 7.01 -13.55 8.11
C ARG A 338 6.20 -14.01 6.90
N GLN A 339 5.63 -15.21 6.99
CA GLN A 339 4.82 -15.75 5.91
C GLN A 339 3.58 -14.89 5.65
N ILE A 340 2.89 -14.52 6.72
CA ILE A 340 1.72 -13.64 6.63
C ILE A 340 2.09 -12.31 6.00
N MET A 341 3.24 -11.76 6.41
CA MET A 341 3.75 -10.52 5.85
C MET A 341 3.98 -10.65 4.35
N GLU A 342 4.56 -11.78 3.96
CA GLU A 342 4.80 -12.07 2.55
C GLU A 342 3.49 -12.12 1.76
N ASP A 343 2.50 -12.80 2.32
CA ASP A 343 1.20 -12.93 1.68
C ASP A 343 0.51 -11.57 1.49
N ASN A 344 0.48 -10.78 2.56
CA ASN A 344 -0.09 -9.44 2.51
C ASN A 344 0.64 -8.56 1.51
N ALA A 345 1.97 -8.73 1.44
CA ALA A 345 2.79 -8.01 0.48
C ALA A 345 2.40 -8.35 -0.95
N LYS A 346 2.26 -9.65 -1.22
CA LYS A 346 1.86 -10.12 -2.54
C LYS A 346 0.48 -9.60 -2.94
N LEU A 347 -0.46 -9.66 -1.99
CA LEU A 347 -1.82 -9.19 -2.22
C LEU A 347 -1.85 -7.69 -2.53
N THR A 348 -1.18 -6.91 -1.69
CA THR A 348 -1.11 -5.47 -1.89
C THR A 348 -0.43 -5.10 -3.21
N SER A 349 0.60 -5.87 -3.55
CA SER A 349 1.32 -5.66 -4.81
C SER A 349 0.41 -5.91 -6.00
N ALA A 350 -0.31 -7.02 -5.96
CA ALA A 350 -1.26 -7.35 -7.01
C ALA A 350 -2.34 -6.28 -7.11
N LEU A 351 -2.73 -5.73 -5.96
CA LEU A 351 -3.72 -4.66 -5.91
C LEU A 351 -3.21 -3.40 -6.63
N VAL A 352 -2.00 -2.97 -6.29
CA VAL A 352 -1.40 -1.80 -6.91
C VAL A 352 -1.21 -1.97 -8.42
N GLU A 353 -0.67 -3.13 -8.81
CA GLU A 353 -0.42 -3.43 -10.21
C GLU A 353 -1.72 -3.48 -11.01
N SER A 354 -2.74 -4.09 -10.42
CA SER A 354 -4.07 -4.13 -11.05
C SER A 354 -4.67 -2.74 -11.15
N VAL A 355 -4.36 -1.90 -10.16
CA VAL A 355 -4.88 -0.53 -10.11
C VAL A 355 -4.28 0.30 -11.24
N LYS A 356 -2.97 0.19 -11.41
CA LYS A 356 -2.28 0.89 -12.50
C LYS A 356 -2.80 0.45 -13.85
N GLY A 357 -2.84 -0.86 -14.08
CA GLY A 357 -3.33 -1.43 -15.32
C GLY A 357 -4.85 -1.46 -15.45
N ILE A 358 -5.52 -0.50 -14.82
CA ILE A 358 -6.97 -0.43 -14.85
C ILE A 358 -7.48 -0.23 -16.28
N GLU A 359 -6.79 0.63 -17.03
CA GLU A 359 -7.19 0.93 -18.40
C GLU A 359 -7.00 -0.27 -19.33
N THR A 360 -5.89 -0.99 -19.16
CA THR A 360 -5.60 -2.14 -20.02
C THR A 360 -6.65 -3.23 -19.87
N ILE A 361 -7.12 -3.44 -18.65
CA ILE A 361 -8.05 -4.54 -18.36
C ILE A 361 -9.50 -4.11 -18.60
N LYS A 362 -9.82 -2.87 -18.24
CA LYS A 362 -11.15 -2.34 -18.52
C LYS A 362 -11.40 -2.29 -20.02
N SER A 363 -10.37 -1.92 -20.77
CA SER A 363 -10.46 -1.91 -22.22
C SER A 363 -10.49 -3.33 -22.80
N PHE A 364 -9.55 -4.17 -22.35
CA PHE A 364 -9.45 -5.53 -22.87
C PHE A 364 -10.69 -6.35 -22.55
N GLY A 365 -11.25 -6.14 -21.36
CA GLY A 365 -12.43 -6.86 -20.94
C GLY A 365 -12.15 -7.92 -19.90
N ALA A 366 -10.89 -8.31 -19.77
CA ALA A 366 -10.51 -9.30 -18.77
C ALA A 366 -10.57 -8.70 -17.36
N GLU A 367 -11.70 -8.92 -16.70
CA GLU A 367 -11.84 -8.54 -15.29
C GLU A 367 -11.71 -9.79 -14.44
N GLU A 368 -12.20 -10.90 -14.98
CA GLU A 368 -12.15 -12.19 -14.32
C GLU A 368 -10.72 -12.66 -14.03
N GLN A 369 -9.77 -12.21 -14.84
CA GLN A 369 -8.37 -12.56 -14.65
C GLN A 369 -7.84 -12.02 -13.32
N THR A 370 -7.91 -10.71 -13.16
CA THR A 370 -7.45 -10.05 -11.95
C THR A 370 -8.37 -10.42 -10.78
N GLU A 371 -9.61 -10.74 -11.09
CA GLU A 371 -10.57 -11.19 -10.08
C GLU A 371 -10.09 -12.51 -9.46
N LYS A 372 -9.77 -13.48 -10.32
CA LYS A 372 -9.27 -14.77 -9.87
C LYS A 372 -7.92 -14.64 -9.17
N SER A 373 -7.08 -13.74 -9.68
CA SER A 373 -5.79 -13.47 -9.07
C SER A 373 -5.95 -12.99 -7.63
N THR A 374 -6.75 -11.94 -7.46
CA THR A 374 -7.00 -11.37 -6.14
C THR A 374 -7.73 -12.38 -5.25
N ARG A 375 -8.51 -13.26 -5.86
CA ARG A 375 -9.19 -14.31 -5.12
C ARG A 375 -8.20 -15.30 -4.52
N ASP A 376 -7.22 -15.70 -5.32
CA ASP A 376 -6.18 -16.63 -4.86
C ASP A 376 -5.32 -15.97 -3.78
N LYS A 377 -4.93 -14.73 -4.03
CA LYS A 377 -4.11 -13.99 -3.06
C LYS A 377 -4.82 -13.83 -1.72
N ILE A 378 -6.08 -13.42 -1.78
CA ILE A 378 -6.90 -13.26 -0.58
C ILE A 378 -7.10 -14.59 0.14
N GLU A 379 -7.24 -15.67 -0.64
CA GLU A 379 -7.39 -17.00 -0.06
C GLU A 379 -6.17 -17.42 0.73
N THR A 380 -5.00 -17.28 0.12
CA THR A 380 -3.74 -17.67 0.78
C THR A 380 -3.47 -16.81 2.00
N VAL A 381 -3.69 -15.50 1.86
CA VAL A 381 -3.49 -14.57 2.96
C VAL A 381 -4.42 -14.91 4.13
N MET A 382 -5.66 -15.26 3.82
CA MET A 382 -6.64 -15.65 4.84
C MET A 382 -6.22 -16.93 5.53
N LYS A 383 -5.67 -17.87 4.76
CA LYS A 383 -5.20 -19.14 5.32
C LYS A 383 -4.07 -18.91 6.33
N SER A 384 -3.06 -18.16 5.91
CA SER A 384 -1.92 -17.86 6.76
C SER A 384 -2.35 -17.10 8.01
N SER A 385 -3.24 -16.14 7.82
CA SER A 385 -3.76 -15.33 8.93
C SER A 385 -4.50 -16.21 9.95
N PHE A 386 -5.29 -17.14 9.45
CA PHE A 386 -6.02 -18.05 10.32
C PHE A 386 -5.07 -18.97 11.08
N LYS A 387 -4.00 -19.39 10.42
CA LYS A 387 -2.99 -20.21 11.07
C LYS A 387 -2.33 -19.47 12.23
N GLU A 388 -1.81 -18.28 11.94
CA GLU A 388 -1.15 -17.47 12.96
C GLU A 388 -2.08 -17.12 14.11
N GLY A 389 -3.32 -16.78 13.78
CA GLY A 389 -4.34 -16.49 14.77
C GLY A 389 -4.61 -17.67 15.68
N MET A 390 -4.70 -18.86 15.08
CA MET A 390 -4.91 -20.08 15.85
C MET A 390 -3.76 -20.33 16.81
N LEU A 391 -2.54 -20.11 16.32
CA LEU A 391 -1.36 -20.24 17.16
C LEU A 391 -1.41 -19.27 18.35
N TYR A 392 -1.81 -18.03 18.06
CA TYR A 392 -1.90 -17.00 19.09
C TYR A 392 -2.95 -17.35 20.14
N ILE A 393 -4.07 -17.92 19.70
CA ILE A 393 -5.13 -18.30 20.62
C ILE A 393 -4.68 -19.48 21.49
N ASN A 394 -3.90 -20.37 20.89
CA ASN A 394 -3.30 -21.47 21.64
C ASN A 394 -2.39 -20.93 22.75
N LEU A 395 -1.51 -20.00 22.39
CA LEU A 395 -0.63 -19.35 23.35
C LEU A 395 -1.41 -18.70 24.49
N SER A 396 -2.43 -17.92 24.13
CA SER A 396 -3.27 -17.25 25.12
C SER A 396 -3.94 -18.26 26.06
N SER A 397 -4.34 -19.40 25.50
CA SER A 397 -4.97 -20.45 26.30
C SER A 397 -3.99 -21.07 27.30
N LEU A 398 -2.77 -21.32 26.84
CA LEU A 398 -1.75 -21.89 27.71
C LEU A 398 -1.36 -20.95 28.84
N THR A 399 -1.06 -19.70 28.49
CA THR A 399 -0.71 -18.70 29.49
C THR A 399 -1.85 -18.47 30.46
N GLY A 400 -3.08 -18.54 29.94
CA GLY A 400 -4.26 -18.42 30.77
C GLY A 400 -4.36 -19.58 31.75
N ILE A 401 -3.98 -20.77 31.30
CA ILE A 401 -3.92 -21.94 32.17
C ILE A 401 -2.92 -21.72 33.30
N VAL A 402 -1.72 -21.29 32.95
CA VAL A 402 -0.68 -20.99 33.93
C VAL A 402 -1.16 -19.99 34.99
N ALA A 403 -1.76 -18.91 34.52
CA ALA A 403 -2.25 -17.85 35.40
C ALA A 403 -3.36 -18.34 36.33
N GLY A 404 -4.36 -19.01 35.75
CA GLY A 404 -5.48 -19.53 36.51
C GLY A 404 -5.07 -20.53 37.58
N LEU A 405 -4.30 -21.54 37.17
CA LEU A 405 -3.79 -22.54 38.10
C LEU A 405 -2.94 -21.87 39.18
N GLY A 406 -2.22 -20.84 38.79
CA GLY A 406 -1.47 -20.03 39.73
C GLY A 406 -2.37 -19.43 40.80
N GLY A 407 -3.51 -18.89 40.36
CA GLY A 407 -4.48 -18.30 41.26
C GLY A 407 -5.08 -19.31 42.23
N ILE A 408 -5.52 -20.45 41.69
CA ILE A 408 -6.10 -21.50 42.51
C ILE A 408 -5.11 -21.99 43.56
N VAL A 409 -3.87 -22.21 43.11
CA VAL A 409 -2.80 -22.63 44.01
C VAL A 409 -2.57 -21.58 45.10
N ILE A 410 -2.63 -20.31 44.71
CA ILE A 410 -2.46 -19.21 45.64
C ILE A 410 -3.55 -19.22 46.72
N LEU A 411 -4.78 -19.51 46.31
CA LEU A 411 -5.89 -19.55 47.25
C LEU A 411 -5.78 -20.73 48.21
N TRP A 412 -5.39 -21.89 47.68
CA TRP A 412 -5.27 -23.10 48.48
C TRP A 412 -4.14 -22.96 49.50
N ALA A 413 -2.96 -22.57 49.02
CA ALA A 413 -1.81 -22.35 49.88
C ALA A 413 -2.09 -21.23 50.88
N GLY A 414 -2.90 -20.26 50.47
CA GLY A 414 -3.30 -19.17 51.35
C GLY A 414 -4.12 -19.68 52.52
N ALA A 415 -5.12 -20.50 52.21
CA ALA A 415 -5.94 -21.11 53.26
C ALA A 415 -5.10 -21.97 54.19
N TYR A 416 -4.23 -22.80 53.60
CA TYR A 416 -3.34 -23.66 54.36
C TYR A 416 -2.47 -22.87 55.32
N ASN A 417 -1.80 -21.84 54.81
CA ASN A 417 -0.94 -21.00 55.64
C ASN A 417 -1.73 -20.21 56.67
N VAL A 418 -3.01 -19.98 56.39
CA VAL A 418 -3.88 -19.26 57.32
C VAL A 418 -4.24 -20.14 58.52
N ILE A 419 -4.71 -21.35 58.25
CA ILE A 419 -5.15 -22.25 59.31
C ILE A 419 -4.01 -22.91 60.07
N LYS A 420 -2.82 -22.91 59.47
CA LYS A 420 -1.65 -23.51 60.10
C LYS A 420 -1.08 -22.63 61.20
N GLY A 421 -1.38 -21.33 61.12
CA GLY A 421 -0.86 -20.38 62.09
C GLY A 421 0.34 -19.67 61.51
N ASN A 422 0.57 -19.87 60.22
CA ASN A 422 1.71 -19.28 59.53
C ASN A 422 1.42 -17.88 58.99
N MET A 423 0.14 -17.58 58.80
CA MET A 423 -0.26 -16.28 58.26
C MET A 423 -1.69 -15.92 58.65
N SER A 424 -2.01 -14.63 58.52
CA SER A 424 -3.35 -14.13 58.83
C SER A 424 -4.21 -14.05 57.57
N GLY A 425 -5.52 -13.89 57.75
CA GLY A 425 -6.43 -13.69 56.64
C GLY A 425 -6.08 -12.43 55.87
N GLY A 426 -5.70 -11.39 56.60
CA GLY A 426 -5.26 -10.14 56.00
C GLY A 426 -3.98 -10.38 55.20
N GLN A 427 -3.17 -11.31 55.66
CA GLN A 427 -1.97 -11.72 54.93
C GLN A 427 -2.36 -12.45 53.65
N LEU A 428 -3.48 -13.16 53.69
CA LEU A 428 -4.02 -13.81 52.50
C LEU A 428 -4.49 -12.80 51.45
N LEU A 429 -5.24 -11.80 51.88
CA LEU A 429 -5.72 -10.76 50.97
C LEU A 429 -4.54 -9.96 50.41
N ALA A 430 -3.61 -9.65 51.29
CA ALA A 430 -2.38 -8.96 50.89
C ALA A 430 -1.62 -9.83 49.91
N PHE A 431 -1.72 -11.14 50.09
CA PHE A 431 -1.13 -12.09 49.16
C PHE A 431 -1.84 -12.03 47.82
N ASN A 432 -3.13 -11.71 47.82
CA ASN A 432 -3.87 -11.52 46.57
C ASN A 432 -3.48 -10.24 45.84
N ALA A 433 -3.14 -9.20 46.60
CA ALA A 433 -2.80 -7.91 45.98
C ALA A 433 -1.35 -7.92 45.50
N LEU A 434 -0.50 -8.62 46.25
CA LEU A 434 0.89 -8.79 45.85
C LEU A 434 0.91 -9.83 44.73
N LEU A 435 -0.12 -10.67 44.70
CA LEU A 435 -0.37 -11.53 43.56
C LEU A 435 -0.68 -10.69 42.34
N ALA A 436 -1.41 -9.59 42.54
CA ALA A 436 -1.66 -8.70 41.42
C ALA A 436 -0.35 -8.03 40.99
N TYR A 437 0.54 -7.81 41.96
CA TYR A 437 1.79 -7.12 41.67
C TYR A 437 2.90 -8.05 41.20
N PHE A 438 2.64 -9.35 41.20
CA PHE A 438 3.57 -10.30 40.61
C PHE A 438 3.05 -10.83 39.28
N LEU A 439 1.73 -10.99 39.20
CA LEU A 439 1.09 -11.52 38.01
C LEU A 439 0.85 -10.45 36.95
N THR A 440 0.86 -9.18 37.37
CA THR A 440 0.75 -8.07 36.41
C THR A 440 1.78 -8.19 35.28
N PRO A 441 3.01 -8.57 35.63
CA PRO A 441 4.15 -8.75 34.73
C PRO A 441 4.00 -9.89 33.71
N VAL A 442 3.44 -11.02 34.13
CA VAL A 442 3.33 -12.18 33.26
C VAL A 442 2.19 -12.00 32.25
N LYS A 443 1.12 -11.36 32.69
CA LYS A 443 0.02 -11.00 31.81
C LYS A 443 0.55 -10.09 30.72
N ASN A 444 1.44 -9.18 31.12
CA ASN A 444 2.13 -8.30 30.19
C ASN A 444 2.94 -9.08 29.16
N LEU A 445 3.46 -10.24 29.55
CA LEU A 445 4.23 -11.09 28.64
C LEU A 445 3.30 -11.82 27.67
N ILE A 446 2.13 -12.21 28.16
CA ILE A 446 1.14 -12.90 27.34
C ILE A 446 0.61 -11.92 26.29
N ASP A 447 0.48 -10.66 26.69
CA ASP A 447 0.15 -9.58 25.76
C ASP A 447 1.36 -9.27 24.87
N LEU A 448 2.55 -9.55 25.39
CA LEU A 448 3.80 -9.27 24.69
C LEU A 448 4.03 -10.24 23.54
N GLN A 449 3.35 -11.38 23.59
CA GLN A 449 3.48 -12.37 22.53
C GLN A 449 3.09 -11.78 21.17
N PRO A 450 2.10 -10.88 21.17
CA PRO A 450 1.73 -10.18 19.93
C PRO A 450 2.80 -9.20 19.46
N LEU A 451 3.54 -8.64 20.41
CA LEU A 451 4.63 -7.73 20.09
C LEU A 451 5.76 -8.46 19.38
N ILE A 452 5.93 -9.74 19.68
CA ILE A 452 6.98 -10.55 19.08
C ILE A 452 6.83 -10.63 17.56
N GLN A 453 5.58 -10.71 17.10
CA GLN A 453 5.28 -10.70 15.68
C GLN A 453 5.76 -9.40 15.04
N THR A 454 5.45 -8.29 15.70
CA THR A 454 5.91 -6.98 15.27
C THR A 454 7.44 -6.92 15.23
N ALA A 455 8.08 -7.62 16.17
CA ALA A 455 9.53 -7.72 16.22
C ALA A 455 10.07 -8.48 15.01
N VAL A 456 9.34 -9.52 14.60
CA VAL A 456 9.70 -10.28 13.40
C VAL A 456 9.59 -9.37 12.17
N VAL A 457 8.49 -8.63 12.11
CA VAL A 457 8.28 -7.64 11.05
C VAL A 457 9.43 -6.64 11.03
N ALA A 458 9.90 -6.27 12.23
CA ALA A 458 11.02 -5.37 12.38
C ALA A 458 12.31 -5.99 11.86
N SER A 459 12.46 -7.30 12.05
CA SER A 459 13.61 -8.03 11.54
C SER A 459 13.60 -7.97 10.01
N ASN A 460 12.41 -8.18 9.44
CA ASN A 460 12.23 -8.06 8.00
C ASN A 460 12.55 -6.65 7.50
N ARG A 461 12.10 -5.65 8.24
CA ARG A 461 12.36 -4.25 7.93
C ARG A 461 13.85 -3.92 7.94
N LEU A 462 14.55 -4.44 8.94
CA LEU A 462 15.99 -4.23 9.09
C LEU A 462 16.77 -4.98 8.01
N GLY A 463 16.23 -6.12 7.59
CA GLY A 463 16.82 -6.89 6.51
C GLY A 463 16.68 -6.12 5.20
N GLU A 464 15.51 -5.54 5.01
CA GLU A 464 15.24 -4.70 3.84
C GLU A 464 16.13 -3.45 3.84
N ILE A 465 16.34 -2.89 5.03
CA ILE A 465 17.13 -1.68 5.17
C ILE A 465 18.61 -1.99 4.99
N LEU A 466 18.98 -3.23 5.27
CA LEU A 466 20.35 -3.68 5.03
C LEU A 466 20.55 -3.75 3.53
N GLU A 467 19.48 -4.15 2.83
CA GLU A 467 19.48 -4.22 1.37
C GLU A 467 19.43 -2.81 0.80
N LEU A 468 18.74 -1.91 1.48
CA LEU A 468 18.64 -0.53 1.01
C LEU A 468 19.97 0.19 1.21
N ALA A 469 20.69 -0.20 2.26
CA ALA A 469 22.00 0.37 2.55
C ALA A 469 23.04 -0.16 1.56
N THR A 470 22.69 -1.20 0.83
CA THR A 470 23.61 -1.84 -0.11
C THR A 470 23.95 -0.91 -1.27
N GLU A 471 22.95 -0.58 -2.08
CA GLU A 471 23.20 0.18 -3.30
C GLU A 471 23.35 1.68 -3.02
N LYS A 472 23.71 2.01 -1.79
CA LYS A 472 24.04 3.37 -1.40
C LYS A 472 25.55 3.52 -1.41
N GLU A 473 26.21 2.44 -0.99
CA GLU A 473 27.66 2.42 -0.89
C GLU A 473 28.29 2.11 -2.23
N LEU A 474 27.46 1.76 -3.22
CA LEU A 474 27.97 1.48 -4.56
C LEU A 474 27.98 2.75 -5.39
N ARG A 475 27.12 3.70 -5.04
CA ARG A 475 27.08 4.99 -5.72
C ARG A 475 28.33 5.79 -5.39
N GLU A 476 28.81 5.58 -4.16
CA GLU A 476 30.00 6.26 -3.64
C GLU A 476 31.25 5.41 -3.83
N ASP A 477 31.05 4.10 -3.91
CA ASP A 477 32.11 3.10 -4.04
C ASP A 477 33.32 3.52 -4.87
N SER A 478 33.09 4.18 -5.98
CA SER A 478 34.16 4.47 -6.91
C SER A 478 34.86 5.79 -6.55
N ASP A 479 34.30 6.50 -5.58
CA ASP A 479 34.82 7.75 -5.03
C ASP A 479 34.88 8.86 -6.07
N ASP A 480 35.41 10.01 -5.65
CA ASP A 480 35.52 11.18 -6.52
C ASP A 480 36.73 12.04 -6.20
N PHE A 481 37.21 12.78 -7.21
CA PHE A 481 38.25 13.79 -7.03
C PHE A 481 38.39 14.60 -8.32
N VAL A 482 37.37 14.51 -9.16
CA VAL A 482 37.31 15.27 -10.40
C VAL A 482 36.36 16.47 -10.31
N ILE A 483 36.67 17.52 -11.07
CA ILE A 483 35.83 18.73 -11.07
C ILE A 483 35.56 19.14 -12.50
N SER A 484 35.23 18.16 -13.34
CA SER A 484 34.92 18.39 -14.75
C SER A 484 33.53 19.00 -14.95
N LEU A 485 33.38 19.73 -16.06
CA LEU A 485 32.11 20.37 -16.38
C LEU A 485 31.37 19.66 -17.51
N LYS A 486 32.09 19.38 -18.60
CA LYS A 486 31.49 18.76 -19.79
C LYS A 486 32.58 18.21 -20.72
N GLY A 487 32.51 16.91 -21.01
CA GLY A 487 33.55 16.28 -21.81
C GLY A 487 33.12 15.57 -23.08
N ASP A 488 34.11 15.06 -23.81
CA ASP A 488 33.87 14.27 -25.01
C ASP A 488 33.64 12.81 -24.62
N ILE A 489 32.68 12.15 -25.25
CA ILE A 489 32.26 10.85 -24.74
C ILE A 489 32.59 9.67 -25.65
N GLU A 490 33.44 8.75 -25.17
CA GLU A 490 33.80 7.58 -25.95
C GLU A 490 33.52 6.29 -25.20
N PHE A 491 33.13 5.25 -25.92
CA PHE A 491 32.91 3.93 -25.36
C PHE A 491 33.99 2.97 -25.85
N ARG A 492 34.66 2.30 -24.91
CA ARG A 492 35.82 1.47 -25.22
C ARG A 492 35.72 0.03 -24.71
N ASN A 493 35.60 -0.89 -25.66
CA ASN A 493 35.60 -2.33 -25.42
C ASN A 493 34.65 -2.78 -24.32
N VAL A 494 33.41 -2.30 -24.38
CA VAL A 494 32.43 -2.61 -23.34
C VAL A 494 31.84 -4.00 -23.54
N ASP A 495 31.58 -4.68 -22.42
CA ASP A 495 31.00 -6.02 -22.45
C ASP A 495 30.25 -6.28 -21.15
N PHE A 496 29.01 -5.78 -21.10
CA PHE A 496 28.17 -5.96 -19.92
C PHE A 496 26.86 -6.64 -20.27
N ARG A 497 26.42 -7.55 -19.41
CA ARG A 497 25.14 -8.21 -19.58
C ARG A 497 24.23 -7.89 -18.40
N TYR A 498 23.04 -7.37 -18.70
CA TYR A 498 22.08 -7.02 -17.66
C TYR A 498 21.33 -8.26 -17.18
N GLY A 499 21.76 -9.42 -17.68
CA GLY A 499 21.15 -10.69 -17.33
C GLY A 499 22.21 -11.78 -17.26
N LEU A 500 21.78 -12.99 -16.89
CA LEU A 500 22.69 -14.12 -16.77
C LEU A 500 23.34 -14.45 -18.12
N ARG A 501 22.51 -14.67 -19.13
CA ARG A 501 23.00 -14.96 -20.48
C ARG A 501 22.52 -13.89 -21.45
N LYS A 502 22.83 -14.10 -22.74
CA LYS A 502 22.44 -13.17 -23.79
C LYS A 502 22.86 -11.73 -23.47
N PRO A 503 24.16 -11.44 -23.63
CA PRO A 503 24.72 -10.13 -23.29
C PRO A 503 24.16 -9.02 -24.16
N VAL A 504 23.87 -7.87 -23.55
CA VAL A 504 23.37 -6.72 -24.29
C VAL A 504 24.50 -6.15 -25.14
N LEU A 505 25.70 -6.17 -24.57
CA LEU A 505 26.89 -5.74 -25.30
C LEU A 505 27.94 -6.85 -25.30
N LYS A 506 28.22 -7.40 -26.49
CA LYS A 506 29.28 -8.39 -26.64
C LYS A 506 30.55 -7.62 -26.92
N ASN A 507 30.40 -6.50 -27.60
CA ASN A 507 31.49 -5.56 -27.89
C ASN A 507 30.90 -4.29 -28.47
N ILE A 508 31.11 -3.17 -27.77
CA ILE A 508 30.58 -1.90 -28.23
C ILE A 508 31.61 -0.80 -28.07
N ASN A 509 32.07 -0.27 -29.20
CA ASN A 509 33.01 0.85 -29.21
C ASN A 509 32.42 2.03 -29.97
N LEU A 510 32.34 3.19 -29.32
CA LEU A 510 31.66 4.33 -29.92
C LEU A 510 32.39 5.63 -29.63
N THR A 511 32.07 6.67 -30.37
CA THR A 511 32.72 7.96 -30.16
C THR A 511 31.86 9.16 -30.52
N ILE A 512 31.62 10.01 -29.54
CA ILE A 512 30.88 11.25 -29.70
C ILE A 512 31.77 12.43 -29.31
N PRO A 513 31.93 13.39 -30.24
CA PRO A 513 32.77 14.57 -30.24
C PRO A 513 32.20 15.71 -29.42
N LYS A 514 33.06 16.42 -28.69
CA LYS A 514 32.64 17.55 -27.87
C LYS A 514 32.13 18.68 -28.74
N GLY A 515 31.01 19.27 -28.35
CA GLY A 515 30.42 20.37 -29.08
C GLY A 515 29.86 19.96 -30.44
N LYS A 516 29.43 18.70 -30.54
CA LYS A 516 28.85 18.19 -31.77
C LYS A 516 27.57 17.41 -31.50
N THR A 517 26.56 17.60 -32.34
CA THR A 517 25.29 16.89 -32.17
C THR A 517 25.37 15.54 -32.85
N VAL A 518 25.12 14.48 -32.08
CA VAL A 518 25.23 13.13 -32.57
C VAL A 518 23.89 12.38 -32.52
N ALA A 519 23.74 11.43 -33.43
CA ALA A 519 22.52 10.63 -33.51
C ALA A 519 22.84 9.15 -33.61
N ILE A 520 22.19 8.35 -32.77
CA ILE A 520 22.36 6.91 -32.83
C ILE A 520 21.03 6.27 -33.24
N VAL A 521 21.05 5.54 -34.34
CA VAL A 521 19.83 4.91 -34.87
C VAL A 521 19.88 3.39 -34.79
N GLY A 522 18.88 2.82 -34.12
CA GLY A 522 18.69 1.39 -34.03
C GLY A 522 17.24 1.13 -33.71
N GLU A 523 16.75 -0.07 -34.04
CA GLU A 523 15.37 -0.41 -33.71
C GLU A 523 15.23 -0.54 -32.22
N SER A 524 14.00 -0.76 -31.75
CA SER A 524 13.79 -0.87 -30.32
C SER A 524 14.21 -2.22 -29.77
N GLY A 525 15.28 -2.21 -29.00
CA GLY A 525 15.79 -3.42 -28.39
C GLY A 525 17.23 -3.67 -28.78
N SER A 526 17.65 -2.96 -29.83
CA SER A 526 18.99 -3.11 -30.39
C SER A 526 20.05 -2.69 -29.38
N GLY A 527 19.95 -1.46 -28.87
CA GLY A 527 20.91 -0.97 -27.91
C GLY A 527 20.87 0.53 -27.67
N LYS A 528 19.68 1.11 -27.76
CA LYS A 528 19.53 2.56 -27.63
C LYS A 528 19.50 3.00 -26.16
N THR A 529 18.81 2.25 -25.32
CA THR A 529 18.72 2.57 -23.88
C THR A 529 20.04 2.31 -23.15
N THR A 530 20.74 1.28 -23.59
CA THR A 530 22.00 0.86 -22.98
C THR A 530 23.10 1.92 -23.00
N LEU A 531 23.22 2.67 -24.10
CA LEU A 531 24.25 3.71 -24.19
C LEU A 531 24.03 4.81 -23.15
N ALA A 532 22.80 5.33 -23.10
CA ALA A 532 22.42 6.37 -22.16
C ALA A 532 22.54 5.87 -20.73
N LYS A 533 22.17 4.62 -20.50
CA LYS A 533 22.26 4.02 -19.18
C LYS A 533 23.71 3.86 -18.72
N LEU A 534 24.57 3.45 -19.64
CA LEU A 534 25.99 3.27 -19.36
C LEU A 534 26.67 4.61 -19.08
N LEU A 535 26.27 5.64 -19.83
CA LEU A 535 26.82 6.97 -19.60
C LEU A 535 26.33 7.54 -18.27
N MET A 536 25.09 7.23 -17.91
CA MET A 536 24.50 7.72 -16.67
C MET A 536 24.92 6.91 -15.45
N ASN A 537 25.67 5.84 -15.67
CA ASN A 537 26.05 4.89 -14.62
C ASN A 537 24.84 4.28 -13.93
N PHE A 538 23.72 4.24 -14.64
CA PHE A 538 22.51 3.59 -14.15
C PHE A 538 22.78 2.10 -13.97
N TYR A 539 23.36 1.49 -15.00
CA TYR A 539 23.82 0.11 -14.93
C TYR A 539 25.31 0.06 -15.18
N SER A 540 26.07 -0.45 -14.21
CA SER A 540 27.52 -0.52 -14.33
C SER A 540 27.91 -1.54 -15.39
N PRO A 541 29.10 -1.36 -15.98
CA PRO A 541 29.56 -2.27 -17.03
C PRO A 541 30.48 -3.36 -16.49
N GLU A 542 30.17 -4.62 -16.80
CA GLU A 542 30.96 -5.75 -16.33
C GLU A 542 32.39 -5.70 -16.85
N LYS A 543 32.53 -5.70 -18.17
CA LYS A 543 33.85 -5.67 -18.80
C LYS A 543 34.03 -4.47 -19.71
N GLY A 544 35.24 -3.93 -19.73
CA GLY A 544 35.57 -2.77 -20.54
C GLY A 544 35.12 -1.47 -19.90
N ASP A 545 35.44 -0.34 -20.52
CA ASP A 545 35.11 0.93 -19.90
C ASP A 545 34.78 2.02 -20.90
N ILE A 546 34.50 3.22 -20.39
CA ILE A 546 34.23 4.38 -21.23
C ILE A 546 35.02 5.60 -20.73
N LEU A 547 35.30 6.52 -21.64
CA LEU A 547 36.06 7.71 -21.29
C LEU A 547 35.23 8.98 -21.49
N ILE A 548 35.18 9.79 -20.44
CA ILE A 548 34.48 11.06 -20.46
C ILE A 548 35.40 12.18 -20.01
N ASN A 549 35.55 13.19 -20.86
CA ASN A 549 36.43 14.34 -20.58
C ASN A 549 37.86 13.91 -20.30
N GLY A 550 38.28 12.82 -20.94
CA GLY A 550 39.60 12.26 -20.70
C GLY A 550 39.67 11.58 -19.35
N HIS A 551 38.56 10.96 -18.94
CA HIS A 551 38.49 10.27 -17.67
C HIS A 551 37.41 9.20 -17.68
N SER A 552 37.67 8.09 -16.98
CA SER A 552 36.71 7.00 -16.90
C SER A 552 35.45 7.44 -16.16
N ILE A 553 34.32 6.85 -16.54
CA ILE A 553 33.03 7.18 -15.94
C ILE A 553 32.98 6.80 -14.46
N LYS A 554 33.74 5.78 -14.09
CA LYS A 554 33.79 5.30 -12.72
C LYS A 554 34.25 6.40 -11.76
N ASN A 555 35.18 7.23 -12.21
CA ASN A 555 35.77 8.24 -11.33
C ASN A 555 34.92 9.50 -11.21
N ILE A 556 34.03 9.70 -12.17
CA ILE A 556 33.19 10.90 -12.21
C ILE A 556 32.12 10.92 -11.12
N SER A 557 31.81 12.11 -10.63
CA SER A 557 30.79 12.30 -9.61
C SER A 557 29.39 12.05 -10.18
N LEU A 558 28.63 11.19 -9.50
CA LEU A 558 27.32 10.78 -9.99
C LEU A 558 26.27 11.89 -9.93
N GLU A 559 26.41 12.80 -8.98
CA GLU A 559 25.48 13.93 -8.84
C GLU A 559 25.62 14.89 -10.01
N LEU A 560 26.88 15.18 -10.38
CA LEU A 560 27.16 16.08 -11.48
C LEU A 560 26.76 15.44 -12.79
N ILE A 561 26.96 14.14 -12.91
CA ILE A 561 26.50 13.39 -14.07
C ILE A 561 24.98 13.44 -14.17
N ARG A 562 24.32 13.39 -13.02
CA ARG A 562 22.87 13.46 -12.96
C ARG A 562 22.33 14.82 -13.41
N LYS A 563 22.88 15.89 -12.86
CA LYS A 563 22.39 17.23 -13.13
C LYS A 563 22.81 17.77 -14.50
N LYS A 564 24.07 17.59 -14.86
CA LYS A 564 24.61 18.17 -16.09
C LYS A 564 24.22 17.37 -17.34
N ILE A 565 23.85 16.11 -17.15
CA ILE A 565 23.42 15.26 -18.26
C ILE A 565 21.95 14.94 -18.12
N ALA A 566 21.20 15.15 -19.19
CA ALA A 566 19.76 14.91 -19.16
C ALA A 566 19.37 13.74 -20.05
N PHE A 567 18.51 12.86 -19.54
CA PHE A 567 18.03 11.73 -20.32
C PHE A 567 16.55 11.88 -20.58
N VAL A 568 16.17 11.83 -21.85
CA VAL A 568 14.77 11.93 -22.23
C VAL A 568 14.16 10.54 -22.35
N SER A 569 13.23 10.23 -21.46
CA SER A 569 12.66 8.90 -21.40
C SER A 569 11.47 8.81 -22.35
N GLN A 570 11.27 7.63 -22.93
CA GLN A 570 10.10 7.38 -23.75
C GLN A 570 8.86 7.37 -22.87
N ASP A 571 9.00 6.79 -21.68
CA ASP A 571 7.94 6.82 -20.69
C ASP A 571 8.26 7.89 -19.66
N VAL A 572 7.68 9.07 -19.87
CA VAL A 572 7.94 10.20 -19.00
C VAL A 572 7.11 10.04 -17.74
N PHE A 573 7.71 10.32 -16.58
CA PHE A 573 6.97 10.22 -15.33
C PHE A 573 6.77 11.59 -14.71
N ILE A 574 5.55 11.84 -14.26
CA ILE A 574 5.20 13.09 -13.63
C ILE A 574 4.55 12.83 -12.29
N PHE A 575 5.19 13.30 -11.22
CA PHE A 575 4.66 13.09 -9.87
C PHE A 575 3.53 14.07 -9.62
N SER A 576 2.58 13.66 -8.78
CA SER A 576 1.41 14.48 -8.50
C SER A 576 1.80 15.83 -7.91
N GLY A 577 1.24 16.90 -8.46
CA GLY A 577 1.55 18.24 -8.01
C GLY A 577 1.31 19.25 -9.12
N THR A 578 1.75 20.48 -8.91
CA THR A 578 1.61 21.53 -9.91
C THR A 578 2.50 21.27 -11.13
N VAL A 579 2.02 21.67 -12.30
CA VAL A 579 2.73 21.46 -13.55
C VAL A 579 4.08 22.18 -13.58
N LYS A 580 4.13 23.36 -12.98
CA LYS A 580 5.37 24.13 -12.90
C LYS A 580 6.46 23.34 -12.17
N GLU A 581 6.06 22.60 -11.15
CA GLU A 581 7.01 21.84 -10.33
C GLU A 581 7.43 20.57 -11.04
N ASN A 582 6.47 19.86 -11.63
CA ASN A 582 6.75 18.66 -12.40
C ASN A 582 7.65 18.97 -13.59
N LEU A 583 7.52 20.18 -14.11
CA LEU A 583 8.38 20.66 -15.18
C LEU A 583 9.73 21.10 -14.63
N CYS A 584 9.74 21.54 -13.37
CA CYS A 584 10.98 22.04 -12.76
C CYS A 584 11.58 21.00 -11.82
N LEU A 585 11.28 19.73 -12.07
CA LEU A 585 11.87 18.64 -11.30
C LEU A 585 13.36 18.56 -11.57
N GLY A 586 14.14 18.24 -10.54
CA GLY A 586 15.58 18.15 -10.68
C GLY A 586 16.27 19.38 -10.11
N ASN A 587 16.09 20.51 -10.80
CA ASN A 587 16.69 21.77 -10.36
C ASN A 587 15.72 22.59 -9.53
N GLU A 588 16.08 22.82 -8.27
CA GLU A 588 15.24 23.60 -7.36
C GLU A 588 15.63 25.08 -7.40
N ASN A 589 14.70 25.94 -7.00
CA ASN A 589 14.91 27.39 -7.01
C ASN A 589 15.34 27.90 -8.38
N VAL A 590 14.60 27.51 -9.41
CA VAL A 590 14.90 27.92 -10.78
C VAL A 590 14.09 29.15 -11.17
N ASP A 591 14.77 30.12 -11.79
CA ASP A 591 14.12 31.37 -12.20
C ASP A 591 13.01 31.10 -13.22
N MET A 592 11.93 31.87 -13.12
CA MET A 592 10.78 31.70 -14.00
C MET A 592 11.11 32.02 -15.46
N ASP A 593 12.13 32.85 -15.66
CA ASP A 593 12.54 33.23 -17.00
C ASP A 593 13.09 32.05 -17.79
N GLU A 594 13.87 31.20 -17.11
CA GLU A 594 14.48 30.04 -17.75
C GLU A 594 13.43 28.97 -18.06
N ILE A 595 12.48 28.80 -17.14
CA ILE A 595 11.41 27.82 -17.31
C ILE A 595 10.46 28.26 -18.42
N ILE A 596 10.18 29.56 -18.47
CA ILE A 596 9.30 30.11 -19.50
C ILE A 596 10.00 30.10 -20.86
N LYS A 597 11.31 30.26 -20.85
CA LYS A 597 12.09 30.21 -22.08
C LYS A 597 12.14 28.79 -22.62
N ALA A 598 12.30 27.82 -21.73
CA ALA A 598 12.31 26.42 -22.11
C ALA A 598 10.94 25.98 -22.60
N ALA A 599 9.89 26.48 -21.95
CA ALA A 599 8.52 26.18 -22.34
C ALA A 599 8.20 26.77 -23.71
N LYS A 600 8.64 28.00 -23.92
CA LYS A 600 8.45 28.68 -25.21
C LYS A 600 9.22 27.96 -26.31
N MET A 601 10.40 27.45 -25.97
CA MET A 601 11.24 26.74 -26.93
C MET A 601 10.71 25.34 -27.20
N ALA A 602 10.03 24.75 -26.21
CA ALA A 602 9.48 23.42 -26.34
C ALA A 602 8.20 23.41 -27.19
N ASN A 603 7.75 24.60 -27.58
CA ASN A 603 6.55 24.78 -28.40
C ASN A 603 5.28 24.28 -27.70
N ALA A 604 5.40 23.97 -26.41
CA ALA A 604 4.28 23.51 -25.61
C ALA A 604 3.64 24.65 -24.83
N HIS A 605 4.27 25.81 -24.88
CA HIS A 605 3.80 27.01 -24.18
C HIS A 605 2.33 27.31 -24.43
N ASP A 606 1.90 27.11 -25.67
CA ASP A 606 0.50 27.28 -26.04
C ASP A 606 -0.39 26.31 -25.26
N PHE A 607 0.05 25.06 -25.18
CA PHE A 607 -0.69 24.03 -24.45
C PHE A 607 -0.54 24.20 -22.94
N ILE A 608 0.39 25.06 -22.54
CA ILE A 608 0.56 25.40 -21.13
C ILE A 608 -0.40 26.50 -20.72
N GLU A 609 -0.57 27.48 -21.61
CA GLU A 609 -1.49 28.59 -21.37
C GLU A 609 -2.94 28.15 -21.56
N LYS A 610 -3.13 27.08 -22.34
CA LYS A 610 -4.46 26.54 -22.58
C LYS A 610 -5.05 25.90 -21.33
N LEU A 611 -4.19 25.52 -20.40
CA LEU A 611 -4.61 24.91 -19.15
C LEU A 611 -5.54 25.82 -18.35
N PRO A 612 -6.46 25.23 -17.59
CA PRO A 612 -7.44 25.93 -16.75
C PRO A 612 -6.77 26.86 -15.73
N LEU A 613 -5.88 26.30 -14.91
CA LEU A 613 -5.22 27.07 -13.87
C LEU A 613 -3.81 27.48 -14.28
N LYS A 614 -3.67 27.94 -15.52
CA LYS A 614 -2.40 28.42 -16.06
C LYS A 614 -1.28 27.40 -15.90
N TYR A 615 -0.35 27.66 -15.00
CA TYR A 615 0.79 26.79 -14.78
C TYR A 615 0.60 25.84 -13.60
N ASP A 616 -0.33 26.19 -12.71
CA ASP A 616 -0.51 25.44 -11.47
C ASP A 616 -1.63 24.41 -11.54
N THR A 617 -1.97 23.96 -12.74
CA THR A 617 -3.00 22.93 -12.91
C THR A 617 -2.54 21.60 -12.30
N PHE A 618 -3.44 20.94 -11.59
CA PHE A 618 -3.12 19.68 -10.93
C PHE A 618 -2.85 18.57 -11.92
N LEU A 619 -1.63 18.01 -11.87
CA LEU A 619 -1.23 16.93 -12.76
C LEU A 619 -0.93 15.65 -11.98
N ASN A 620 -1.89 14.72 -11.95
CA ASN A 620 -1.72 13.50 -11.16
C ASN A 620 -1.88 12.21 -11.97
N GLU A 621 -0.77 11.48 -12.11
CA GLU A 621 -0.72 10.25 -12.90
C GLU A 621 -1.20 10.45 -14.33
N SER A 622 -0.55 11.37 -15.05
CA SER A 622 -0.93 11.72 -16.43
C SER A 622 -2.38 12.23 -16.49
N GLY A 623 -2.89 12.64 -15.33
CA GLY A 623 -4.22 13.20 -15.19
C GLY A 623 -4.12 14.65 -14.76
N ALA A 624 -5.22 15.39 -14.84
CA ALA A 624 -6.48 14.90 -15.39
C ALA A 624 -6.47 14.97 -16.91
N ASN A 625 -5.93 16.07 -17.43
CA ASN A 625 -5.81 16.27 -18.86
C ASN A 625 -4.34 16.41 -19.23
N LEU A 626 -3.90 15.62 -20.21
CA LEU A 626 -2.49 15.62 -20.61
C LEU A 626 -2.27 14.97 -21.97
N SER A 627 -1.41 15.59 -22.78
CA SER A 627 -1.06 15.07 -24.10
C SER A 627 0.31 14.44 -24.10
N GLU A 628 0.45 13.34 -24.83
CA GLU A 628 1.73 12.65 -24.95
C GLU A 628 2.79 13.56 -25.57
N GLY A 629 2.41 14.27 -26.62
CA GLY A 629 3.29 15.24 -27.25
C GLY A 629 3.65 16.36 -26.31
N GLN A 630 2.64 16.89 -25.62
CA GLN A 630 2.85 17.93 -24.62
C GLN A 630 3.72 17.40 -23.48
N LYS A 631 3.60 16.11 -23.19
CA LYS A 631 4.38 15.47 -22.14
C LYS A 631 5.86 15.38 -22.53
N GLN A 632 6.14 14.88 -23.72
CA GLN A 632 7.50 14.77 -24.22
C GLN A 632 8.12 16.16 -24.37
N ARG A 633 7.31 17.10 -24.84
CA ARG A 633 7.71 18.50 -24.94
C ARG A 633 8.05 19.06 -23.56
N LEU A 634 7.33 18.59 -22.54
CA LEU A 634 7.58 19.01 -21.17
C LEU A 634 8.89 18.41 -20.65
N ALA A 635 9.17 17.17 -21.06
CA ALA A 635 10.42 16.52 -20.72
C ALA A 635 11.59 17.29 -21.34
N ILE A 636 11.43 17.65 -22.60
CA ILE A 636 12.42 18.47 -23.30
C ILE A 636 12.59 19.82 -22.62
N ALA A 637 11.48 20.37 -22.13
CA ALA A 637 11.49 21.64 -21.43
C ALA A 637 12.27 21.53 -20.13
N ARG A 638 12.12 20.40 -19.45
CA ARG A 638 12.87 20.13 -18.23
C ARG A 638 14.36 20.01 -18.53
N ALA A 639 14.68 19.26 -19.58
CA ALA A 639 16.06 19.10 -20.02
C ALA A 639 16.70 20.43 -20.37
N LEU A 640 15.92 21.32 -20.98
CA LEU A 640 16.39 22.65 -21.35
C LEU A 640 16.58 23.53 -20.12
N LEU A 641 15.64 23.48 -19.19
CA LEU A 641 15.69 24.29 -17.99
C LEU A 641 16.81 23.87 -17.06
N LYS A 642 17.26 22.64 -17.21
CA LYS A 642 18.34 22.10 -16.39
C LYS A 642 19.70 22.63 -16.83
N LYS A 643 19.74 23.21 -18.03
CA LYS A 643 20.99 23.70 -18.63
C LYS A 643 22.01 22.57 -18.69
N PRO A 644 21.79 21.59 -19.58
CA PRO A 644 22.55 20.34 -19.66
C PRO A 644 23.91 20.47 -20.34
N ASP A 645 24.92 19.84 -19.75
CA ASP A 645 26.23 19.74 -20.36
C ASP A 645 26.28 18.58 -21.35
N ILE A 646 25.35 17.64 -21.17
CA ILE A 646 25.21 16.51 -22.07
C ILE A 646 23.73 16.20 -22.29
N LEU A 647 23.30 16.18 -23.55
CA LEU A 647 21.88 16.02 -23.84
C LEU A 647 21.57 14.71 -24.56
N ILE A 648 20.87 13.81 -23.87
CA ILE A 648 20.44 12.55 -24.43
C ILE A 648 18.93 12.55 -24.67
N LEU A 649 18.52 12.31 -25.90
CA LEU A 649 17.12 12.32 -26.27
C LEU A 649 16.72 11.00 -26.94
N ASP A 650 15.66 10.39 -26.44
CA ASP A 650 15.08 9.22 -27.08
C ASP A 650 14.24 9.64 -28.27
N GLN A 651 13.52 8.68 -28.86
CA GLN A 651 12.65 8.99 -29.98
C GLN A 651 11.43 9.80 -29.51
N ALA A 652 11.68 10.98 -28.98
CA ALA A 652 10.63 11.85 -28.47
C ALA A 652 9.81 12.43 -29.62
N THR A 653 10.49 12.71 -30.73
CA THR A 653 9.83 13.18 -31.94
C THR A 653 8.87 12.12 -32.46
N SER A 654 9.24 10.86 -32.25
CA SER A 654 8.46 9.74 -32.72
C SER A 654 7.15 9.56 -31.92
N ASN A 655 7.06 10.20 -30.76
CA ASN A 655 5.88 10.06 -29.90
C ASN A 655 4.61 10.66 -30.52
N LEU A 656 4.72 11.87 -31.03
CA LEU A 656 3.56 12.55 -31.62
C LEU A 656 3.99 13.36 -32.84
N ASP A 657 4.00 12.71 -34.00
CA ASP A 657 4.75 13.14 -35.19
C ASP A 657 4.64 14.62 -35.59
N SER A 658 3.43 15.13 -35.73
CA SER A 658 3.22 16.44 -36.35
C SER A 658 3.74 17.59 -35.50
N ILE A 659 3.23 17.71 -34.28
CA ILE A 659 3.69 18.76 -33.37
C ILE A 659 5.16 18.55 -33.00
N THR A 660 5.57 17.28 -32.95
CA THR A 660 6.95 16.93 -32.67
C THR A 660 7.91 17.35 -33.76
N GLU A 661 7.43 17.46 -35.00
CA GLU A 661 8.29 17.90 -36.09
C GLU A 661 8.69 19.36 -35.86
N ASN A 662 7.68 20.19 -35.59
CA ASN A 662 7.90 21.60 -35.30
C ASN A 662 8.74 21.80 -34.05
N HIS A 663 8.38 21.09 -32.98
CA HIS A 663 9.09 21.23 -31.71
C HIS A 663 10.52 20.69 -31.78
N ILE A 664 10.75 19.72 -32.67
CA ILE A 664 12.09 19.17 -32.88
C ILE A 664 12.92 20.14 -33.69
N LYS A 665 12.29 20.81 -34.65
CA LYS A 665 12.97 21.85 -35.41
C LYS A 665 13.40 22.96 -34.45
N ASP A 666 12.48 23.36 -33.57
CA ASP A 666 12.73 24.42 -32.61
C ASP A 666 13.83 24.04 -31.63
N ALA A 667 13.81 22.78 -31.16
CA ALA A 667 14.77 22.31 -30.18
C ALA A 667 16.15 22.12 -30.79
N ILE A 668 16.18 21.64 -32.03
CA ILE A 668 17.43 21.49 -32.77
C ILE A 668 18.04 22.85 -33.05
N TYR A 669 17.19 23.83 -33.33
CA TYR A 669 17.65 25.21 -33.49
C TYR A 669 18.21 25.76 -32.19
N GLY A 670 17.54 25.45 -31.08
CA GLY A 670 17.94 25.94 -29.78
C GLY A 670 19.24 25.34 -29.26
N LEU A 671 19.45 24.06 -29.56
CA LEU A 671 20.60 23.34 -29.04
C LEU A 671 21.93 23.94 -29.48
N GLU A 672 22.02 24.29 -30.76
CA GLU A 672 23.21 24.93 -31.34
C GLU A 672 24.44 24.02 -31.27
N ASP A 673 24.22 22.76 -30.91
CA ASP A 673 25.28 21.75 -30.83
C ASP A 673 26.41 22.20 -29.91
N ASP A 674 26.05 22.88 -28.83
CA ASP A 674 27.04 23.34 -27.85
C ASP A 674 27.42 22.23 -26.88
N VAL A 675 26.94 21.02 -27.13
CA VAL A 675 27.18 19.89 -26.24
C VAL A 675 26.88 18.57 -26.94
N THR A 676 27.37 17.48 -26.35
CA THR A 676 27.17 16.15 -26.91
C THR A 676 25.68 15.78 -26.91
N VAL A 677 25.26 15.12 -27.98
CA VAL A 677 23.86 14.75 -28.15
C VAL A 677 23.71 13.27 -28.45
N ILE A 678 22.87 12.60 -27.67
CA ILE A 678 22.60 11.19 -27.89
C ILE A 678 21.20 10.99 -28.45
N ILE A 679 21.04 9.99 -29.31
CA ILE A 679 19.74 9.68 -29.87
C ILE A 679 19.38 8.23 -29.62
N ILE A 680 18.27 8.00 -28.93
CA ILE A 680 17.76 6.64 -28.73
C ILE A 680 16.59 6.40 -29.68
N ALA A 681 16.65 7.04 -30.84
CA ALA A 681 15.57 6.97 -31.83
C ALA A 681 15.83 5.89 -32.87
N HIS A 682 14.75 5.37 -33.46
CA HIS A 682 14.84 4.41 -34.54
C HIS A 682 14.56 5.07 -35.88
N ARG A 683 13.95 6.25 -35.82
CA ARG A 683 13.60 7.01 -37.01
C ARG A 683 14.82 7.58 -37.71
N LEU A 684 15.26 6.89 -38.76
CA LEU A 684 16.44 7.29 -39.52
C LEU A 684 16.28 8.65 -40.19
N SER A 685 15.06 8.94 -40.64
CA SER A 685 14.77 10.17 -41.36
C SER A 685 14.97 11.40 -40.47
N THR A 686 14.59 11.28 -39.20
CA THR A 686 14.69 12.39 -38.27
C THR A 686 16.14 12.65 -37.84
N ILE A 687 16.94 11.59 -37.80
CA ILE A 687 18.33 11.67 -37.35
C ILE A 687 19.33 12.18 -38.38
N VAL A 688 18.96 12.13 -39.65
CA VAL A 688 19.89 12.54 -40.71
C VAL A 688 20.22 14.02 -40.68
N ASN A 689 19.26 14.84 -40.26
CA ASN A 689 19.47 16.28 -40.15
C ASN A 689 20.57 16.66 -39.16
N CYS A 690 20.85 15.77 -38.21
CA CYS A 690 21.85 16.03 -37.18
C CYS A 690 23.27 16.11 -37.76
N ASP A 691 24.21 16.54 -36.93
CA ASP A 691 25.59 16.75 -37.38
C ASP A 691 26.33 15.45 -37.70
N LYS A 692 26.43 14.56 -36.71
CA LYS A 692 27.16 13.31 -36.89
C LYS A 692 26.33 12.13 -36.40
N ILE A 693 26.62 10.94 -36.90
CA ILE A 693 25.85 9.75 -36.53
C ILE A 693 26.71 8.53 -36.21
N TYR A 694 26.25 7.74 -35.24
CA TYR A 694 26.86 6.45 -34.91
C TYR A 694 25.84 5.35 -35.15
N LEU A 695 26.32 4.14 -35.45
CA LEU A 695 25.42 3.04 -35.79
C LEU A 695 25.58 1.85 -34.86
N LEU A 696 24.45 1.37 -34.34
CA LEU A 696 24.44 0.19 -33.47
C LEU A 696 23.77 -0.99 -34.16
N LYS A 697 24.55 -2.04 -34.43
CA LYS A 697 24.02 -3.21 -35.12
C LYS A 697 24.38 -4.52 -34.40
N ASP A 698 23.35 -5.28 -34.05
CA ASP A 698 23.50 -6.58 -33.39
C ASP A 698 24.32 -6.52 -32.10
N GLY A 699 24.22 -5.40 -31.40
CA GLY A 699 24.92 -5.22 -30.14
C GLY A 699 26.36 -4.76 -30.33
N GLU A 700 26.69 -4.43 -31.57
CA GLU A 700 28.03 -3.95 -31.89
C GLU A 700 27.97 -2.72 -32.78
N ILE A 701 28.86 -1.76 -32.53
CA ILE A 701 28.91 -0.56 -33.34
C ILE A 701 29.58 -0.83 -34.68
N VAL A 702 28.95 -0.40 -35.75
CA VAL A 702 29.46 -0.68 -37.10
C VAL A 702 30.39 0.44 -37.58
N GLU A 703 29.82 1.60 -37.88
CA GLU A 703 30.59 2.71 -38.40
C GLU A 703 30.03 4.07 -37.98
N SER A 704 30.91 4.98 -37.59
CA SER A 704 30.52 6.34 -37.25
C SER A 704 30.72 7.28 -38.43
N GLY A 705 29.74 8.14 -38.68
CA GLY A 705 29.82 9.09 -39.78
C GLY A 705 28.53 9.83 -40.01
N SER A 706 28.37 10.40 -41.20
CA SER A 706 27.15 11.11 -41.55
C SER A 706 26.27 10.27 -42.45
N HIS A 707 25.06 10.75 -42.72
CA HIS A 707 24.11 10.04 -43.56
C HIS A 707 24.67 9.80 -44.97
N THR A 708 25.29 10.83 -45.53
CA THR A 708 25.86 10.76 -46.87
C THR A 708 26.97 9.71 -46.97
N GLU A 709 27.94 9.80 -46.07
CA GLU A 709 29.08 8.89 -46.08
C GLU A 709 28.67 7.46 -45.76
N LEU A 710 27.71 7.30 -44.86
CA LEU A 710 27.22 5.98 -44.47
C LEU A 710 26.44 5.33 -45.61
N ILE A 711 25.64 6.12 -46.30
CA ILE A 711 24.86 5.62 -47.43
C ILE A 711 25.77 5.28 -48.60
N ALA A 712 26.79 6.11 -48.81
CA ALA A 712 27.75 5.89 -49.89
C ALA A 712 28.69 4.74 -49.57
N LEU A 713 28.78 4.39 -48.29
CA LEU A 713 29.65 3.31 -47.84
C LEU A 713 29.20 1.96 -48.41
N LYS A 714 27.91 1.84 -48.68
CA LYS A 714 27.31 0.62 -49.24
C LYS A 714 27.56 -0.58 -48.34
N GLY A 715 27.30 -0.40 -47.04
CA GLY A 715 27.48 -1.46 -46.08
C GLY A 715 26.17 -2.04 -45.58
N CYS A 716 25.95 -1.95 -44.27
CA CYS A 716 24.73 -2.47 -43.67
C CYS A 716 23.69 -1.37 -43.50
N TYR A 717 24.16 -0.16 -43.25
CA TYR A 717 23.26 0.99 -43.13
C TYR A 717 22.59 1.29 -44.46
N PHE A 718 23.34 1.11 -45.55
CA PHE A 718 22.80 1.28 -46.89
C PHE A 718 21.77 0.20 -47.18
N LYS A 719 22.01 -1.00 -46.66
CA LYS A 719 21.05 -2.09 -46.79
C LYS A 719 19.78 -1.79 -46.01
N MET A 720 19.93 -1.18 -44.83
CA MET A 720 18.79 -0.78 -44.02
C MET A 720 17.96 0.28 -44.71
N TRP A 721 18.64 1.27 -45.29
CA TRP A 721 17.97 2.37 -45.97
C TRP A 721 17.29 1.88 -47.26
N LYS A 722 17.92 0.92 -47.92
CA LYS A 722 17.33 0.32 -49.12
C LYS A 722 16.10 -0.51 -48.76
N GLN A 723 16.18 -1.20 -47.63
CA GLN A 723 15.11 -2.08 -47.18
C GLN A 723 13.92 -1.33 -46.58
N THR A 724 14.16 -0.14 -46.05
CA THR A 724 13.09 0.61 -45.38
C THR A 724 12.81 1.99 -45.99
N GLU A 725 13.88 2.72 -46.30
CA GLU A 725 13.73 4.07 -46.84
C GLU A 725 13.82 4.08 -48.36
N PHE B 161 -24.14 -10.57 7.08
CA PHE B 161 -24.11 -11.15 8.42
C PHE B 161 -25.29 -12.09 8.64
N ALA B 162 -26.45 -11.70 8.14
CA ALA B 162 -27.66 -12.51 8.26
C ALA B 162 -27.50 -13.83 7.52
N GLY B 163 -26.91 -13.75 6.34
CA GLY B 163 -26.64 -14.94 5.53
C GLY B 163 -25.68 -15.88 6.22
N PHE B 164 -24.65 -15.29 6.85
CA PHE B 164 -23.68 -16.07 7.61
C PHE B 164 -24.35 -16.76 8.79
N LEU B 165 -25.26 -16.03 9.44
CA LEU B 165 -26.01 -16.57 10.56
C LEU B 165 -26.88 -17.74 10.12
N LYS B 166 -27.52 -17.60 8.95
CA LYS B 166 -28.35 -18.67 8.42
C LYS B 166 -27.51 -19.90 8.09
N PRO B 167 -26.31 -19.67 7.54
CA PRO B 167 -25.40 -20.78 7.21
C PRO B 167 -24.54 -21.25 8.39
N LEU B 168 -24.76 -20.69 9.57
CA LEU B 168 -24.01 -21.11 10.76
C LEU B 168 -24.81 -21.02 12.06
N LYS B 169 -26.13 -21.06 11.97
CA LYS B 169 -26.98 -20.83 13.14
C LYS B 169 -26.77 -21.80 14.31
N LYS B 170 -26.66 -23.09 13.99
CA LYS B 170 -26.47 -24.11 15.03
C LYS B 170 -25.16 -23.90 15.76
N THR B 171 -24.10 -23.63 15.02
CA THR B 171 -22.78 -23.38 15.60
C THR B 171 -22.78 -22.13 16.48
N VAL B 172 -23.45 -21.08 16.01
CA VAL B 172 -23.56 -19.83 16.76
C VAL B 172 -24.31 -20.06 18.07
N LEU B 173 -25.36 -20.86 18.01
CA LEU B 173 -26.14 -21.19 19.20
C LEU B 173 -25.28 -21.98 20.19
N CYS B 174 -24.50 -22.92 19.65
CA CYS B 174 -23.60 -23.72 20.47
C CYS B 174 -22.58 -22.84 21.17
N ILE B 175 -22.03 -21.87 20.44
CA ILE B 175 -21.03 -20.96 20.99
C ILE B 175 -21.64 -20.07 22.10
N PHE B 176 -22.83 -19.55 21.85
CA PHE B 176 -23.54 -18.72 22.82
C PHE B 176 -23.82 -19.49 24.12
N LEU B 177 -24.40 -20.68 23.97
CA LEU B 177 -24.75 -21.52 25.11
C LEU B 177 -23.48 -21.90 25.90
N ALA B 178 -22.44 -22.28 25.16
CA ALA B 178 -21.17 -22.65 25.78
C ALA B 178 -20.59 -21.49 26.57
N SER B 179 -20.68 -20.28 26.02
CA SER B 179 -20.19 -19.09 26.70
C SER B 179 -20.96 -18.84 28.00
N LEU B 180 -22.29 -18.89 27.91
CA LEU B 180 -23.15 -18.67 29.07
C LEU B 180 -22.84 -19.67 30.20
N LEU B 181 -22.82 -20.96 29.85
CA LEU B 181 -22.58 -22.02 30.83
C LEU B 181 -21.17 -21.92 31.44
N TYR B 182 -20.18 -21.70 30.59
CA TYR B 182 -18.79 -21.56 31.03
C TYR B 182 -18.64 -20.40 32.03
N THR B 183 -19.25 -19.28 31.71
CA THR B 183 -19.15 -18.10 32.56
C THR B 183 -19.88 -18.36 33.88
N ALA B 184 -21.01 -19.06 33.80
CA ALA B 184 -21.75 -19.45 34.99
C ALA B 184 -20.88 -20.29 35.92
N LEU B 185 -20.28 -21.34 35.37
CA LEU B 185 -19.37 -22.19 36.13
C LEU B 185 -18.20 -21.40 36.71
N GLY B 186 -17.75 -20.40 35.97
CA GLY B 186 -16.68 -19.54 36.44
C GLY B 186 -17.09 -18.79 37.70
N ILE B 187 -18.27 -18.18 37.66
CA ILE B 187 -18.80 -17.47 38.82
C ILE B 187 -18.95 -18.42 40.02
N ALA B 188 -19.55 -19.59 39.75
CA ALA B 188 -19.71 -20.63 40.77
C ALA B 188 -18.38 -20.98 41.46
N GLY B 189 -17.34 -21.18 40.66
CA GLY B 189 -16.03 -21.54 41.19
C GLY B 189 -15.38 -20.39 41.94
N SER B 190 -15.72 -19.16 41.55
CA SER B 190 -15.18 -17.99 42.22
C SER B 190 -15.84 -17.86 43.59
N PHE B 191 -17.11 -18.23 43.67
CA PHE B 191 -17.81 -18.25 44.95
C PHE B 191 -17.32 -19.43 45.77
N TYR B 192 -16.81 -20.45 45.09
CA TYR B 192 -16.17 -21.57 45.76
C TYR B 192 -14.89 -21.09 46.45
N ILE B 193 -14.15 -20.22 45.78
CA ILE B 193 -12.96 -19.62 46.37
C ILE B 193 -13.35 -18.72 47.55
N LYS B 194 -14.44 -17.98 47.39
CA LYS B 194 -14.94 -17.11 48.46
C LYS B 194 -15.26 -17.90 49.72
N PHE B 195 -16.08 -18.94 49.57
CA PHE B 195 -16.44 -19.79 50.70
C PHE B 195 -15.22 -20.51 51.26
N LEU B 196 -14.28 -20.86 50.37
CA LEU B 196 -13.02 -21.48 50.77
C LEU B 196 -12.26 -20.60 51.77
N PHE B 197 -11.97 -19.37 51.36
CA PHE B 197 -11.21 -18.47 52.23
C PHE B 197 -11.99 -18.08 53.48
N ASP B 198 -13.29 -17.85 53.33
CA ASP B 198 -14.08 -17.37 54.46
C ASP B 198 -14.52 -18.44 55.45
N ASP B 199 -14.94 -19.60 54.96
CA ASP B 199 -15.44 -20.65 55.84
C ASP B 199 -14.40 -21.72 56.20
N LEU B 200 -13.73 -22.24 55.19
CA LEU B 200 -12.84 -23.39 55.38
C LEU B 200 -11.60 -23.06 56.21
N ILE B 201 -11.07 -21.86 56.02
CA ILE B 201 -9.86 -21.44 56.73
C ILE B 201 -10.20 -20.95 58.13
N LYS B 202 -11.35 -20.31 58.25
CA LYS B 202 -11.80 -19.75 59.52
C LYS B 202 -12.28 -20.84 60.48
N PHE B 203 -12.86 -21.89 59.92
CA PHE B 203 -13.41 -22.98 60.71
C PHE B 203 -12.44 -24.15 60.71
N GLU B 204 -11.37 -24.00 59.94
CA GLU B 204 -10.24 -24.94 59.91
C GLU B 204 -10.61 -26.37 59.50
N LYS B 205 -10.90 -26.55 58.22
CA LYS B 205 -11.14 -27.88 57.65
C LYS B 205 -10.19 -28.11 56.48
N LEU B 206 -9.13 -28.87 56.72
CA LEU B 206 -8.08 -29.09 55.73
C LEU B 206 -8.50 -29.91 54.51
N ASN B 207 -9.07 -31.09 54.77
CA ASN B 207 -9.47 -32.01 53.71
C ASN B 207 -10.48 -31.36 52.76
N ASP B 208 -11.50 -30.75 53.36
CA ASP B 208 -12.52 -30.03 52.59
C ASP B 208 -11.90 -28.91 51.78
N LEU B 209 -10.88 -28.26 52.34
CA LEU B 209 -10.18 -27.19 51.64
C LEU B 209 -9.50 -27.71 50.38
N HIS B 210 -8.73 -28.78 50.53
CA HIS B 210 -8.03 -29.39 49.40
C HIS B 210 -9.01 -29.83 48.32
N ILE B 211 -10.01 -30.60 48.73
CA ILE B 211 -11.02 -31.11 47.81
C ILE B 211 -11.73 -30.00 47.05
N ILE B 212 -12.20 -28.99 47.78
CA ILE B 212 -12.89 -27.84 47.19
C ILE B 212 -11.99 -27.13 46.18
N SER B 213 -10.72 -26.92 46.56
CA SER B 213 -9.75 -26.30 45.66
C SER B 213 -9.67 -27.07 44.35
N ALA B 214 -9.53 -28.39 44.46
CA ALA B 214 -9.47 -29.25 43.28
C ALA B 214 -10.71 -29.10 42.40
N GLY B 215 -11.89 -29.16 43.02
CA GLY B 215 -13.14 -29.02 42.29
C GLY B 215 -13.26 -27.72 41.52
N PHE B 216 -12.98 -26.61 42.20
CA PHE B 216 -13.05 -25.30 41.59
C PHE B 216 -12.05 -25.20 40.44
N ALA B 217 -10.89 -25.83 40.63
CA ALA B 217 -9.89 -25.90 39.57
C ALA B 217 -10.47 -26.59 38.33
N VAL B 218 -11.13 -27.73 38.53
CA VAL B 218 -11.75 -28.46 37.43
C VAL B 218 -12.77 -27.60 36.69
N ILE B 219 -13.63 -26.94 37.45
CA ILE B 219 -14.64 -26.04 36.88
C ILE B 219 -13.97 -24.99 35.99
N PHE B 220 -12.92 -24.36 36.51
CA PHE B 220 -12.16 -23.37 35.77
C PHE B 220 -11.61 -23.94 34.46
N LEU B 221 -11.11 -25.18 34.52
CA LEU B 221 -10.56 -25.83 33.33
C LEU B 221 -11.61 -26.02 32.25
N LEU B 222 -12.80 -26.47 32.66
CA LEU B 222 -13.89 -26.67 31.71
C LEU B 222 -14.28 -25.34 31.06
N GLN B 223 -14.38 -24.30 31.89
CA GLN B 223 -14.66 -22.95 31.39
C GLN B 223 -13.64 -22.53 30.33
N ILE B 224 -12.37 -22.81 30.62
CA ILE B 224 -11.28 -22.43 29.74
C ILE B 224 -11.37 -23.15 28.38
N PHE B 225 -11.71 -24.44 28.41
CA PHE B 225 -11.82 -25.18 27.15
C PHE B 225 -13.01 -24.69 26.33
N LEU B 226 -14.06 -24.28 27.02
CA LEU B 226 -15.26 -23.79 26.34
C LEU B 226 -14.97 -22.46 25.65
N ASN B 227 -14.38 -21.54 26.39
CA ASN B 227 -13.98 -20.25 25.83
C ASN B 227 -12.99 -20.44 24.67
N TYR B 228 -12.15 -21.46 24.79
CA TYR B 228 -11.21 -21.81 23.73
C TYR B 228 -11.93 -22.14 22.42
N TYR B 229 -12.79 -23.16 22.46
CA TYR B 229 -13.47 -23.60 21.24
C TYR B 229 -14.33 -22.47 20.66
N ARG B 230 -15.01 -21.74 21.53
CA ARG B 230 -15.84 -20.61 21.10
C ARG B 230 -15.02 -19.57 20.35
N SER B 231 -13.89 -19.19 20.94
CA SER B 231 -13.01 -18.19 20.35
C SER B 231 -12.50 -18.65 18.98
N ILE B 232 -12.14 -19.93 18.88
CA ILE B 232 -11.71 -20.50 17.62
C ILE B 232 -12.79 -20.34 16.53
N LEU B 233 -13.99 -20.78 16.84
CA LEU B 233 -15.10 -20.70 15.88
C LEU B 233 -15.36 -19.25 15.42
N VAL B 234 -15.48 -18.35 16.40
CA VAL B 234 -15.77 -16.95 16.10
C VAL B 234 -14.66 -16.33 15.25
N THR B 235 -13.43 -16.73 15.52
CA THR B 235 -12.28 -16.27 14.73
C THR B 235 -12.42 -16.69 13.28
N LYS B 236 -12.68 -17.99 13.07
CA LYS B 236 -12.87 -18.51 11.72
C LYS B 236 -13.95 -17.75 10.94
N LEU B 237 -15.13 -17.65 11.54
CA LEU B 237 -16.24 -16.91 10.93
C LEU B 237 -15.83 -15.47 10.57
N GLY B 238 -15.26 -14.77 11.55
CA GLY B 238 -14.78 -13.41 11.36
C GLY B 238 -13.87 -13.25 10.16
N MET B 239 -12.82 -14.07 10.09
CA MET B 239 -11.84 -13.94 9.02
C MET B 239 -12.45 -14.28 7.67
N SER B 240 -13.40 -15.21 7.66
CA SER B 240 -14.09 -15.57 6.43
C SER B 240 -14.88 -14.37 5.89
N ILE B 241 -15.65 -13.75 6.78
CA ILE B 241 -16.41 -12.55 6.43
C ILE B 241 -15.50 -11.44 5.92
N ASP B 242 -14.37 -11.25 6.61
CA ASP B 242 -13.35 -10.29 6.21
C ASP B 242 -12.92 -10.50 4.77
N LYS B 243 -12.46 -11.71 4.46
CA LYS B 243 -12.02 -12.06 3.12
C LYS B 243 -13.10 -11.76 2.08
N SER B 244 -14.33 -12.19 2.38
CA SER B 244 -15.45 -11.97 1.47
C SER B 244 -15.65 -10.49 1.16
N ILE B 245 -15.72 -9.67 2.21
CA ILE B 245 -15.91 -8.24 2.07
C ILE B 245 -14.81 -7.58 1.25
N MET B 246 -13.56 -7.84 1.62
CA MET B 246 -12.41 -7.29 0.90
C MET B 246 -12.45 -7.63 -0.58
N MET B 247 -12.70 -8.90 -0.88
CA MET B 247 -12.74 -9.36 -2.26
C MET B 247 -13.85 -8.67 -3.03
N GLU B 248 -15.01 -8.52 -2.39
CA GLU B 248 -16.15 -7.83 -2.99
C GLU B 248 -15.80 -6.39 -3.33
N TYR B 249 -15.20 -5.68 -2.39
CA TYR B 249 -14.78 -4.30 -2.59
C TYR B 249 -13.81 -4.17 -3.77
N TYR B 250 -12.76 -4.98 -3.76
CA TYR B 250 -11.76 -4.94 -4.82
C TYR B 250 -12.37 -5.22 -6.19
N SER B 251 -13.23 -6.24 -6.25
CA SER B 251 -13.91 -6.59 -7.49
C SER B 251 -14.79 -5.46 -8.01
N HIS B 252 -15.55 -4.84 -7.09
CA HIS B 252 -16.47 -3.77 -7.46
C HIS B 252 -15.71 -2.51 -7.90
N VAL B 253 -14.49 -2.35 -7.38
CA VAL B 253 -13.65 -1.22 -7.78
C VAL B 253 -12.93 -1.52 -9.08
N LEU B 254 -12.83 -2.80 -9.42
CA LEU B 254 -12.21 -3.21 -10.67
C LEU B 254 -13.15 -3.03 -11.87
N LYS B 255 -14.43 -3.31 -11.67
CA LYS B 255 -15.41 -3.20 -12.73
C LYS B 255 -15.89 -1.77 -12.98
N LEU B 256 -15.27 -0.81 -12.31
CA LEU B 256 -15.68 0.59 -12.41
C LEU B 256 -15.15 1.24 -13.68
N PRO B 257 -15.91 2.21 -14.23
CA PRO B 257 -15.62 2.95 -15.46
C PRO B 257 -14.33 3.76 -15.39
N MET B 258 -13.94 4.35 -16.51
CA MET B 258 -12.67 5.08 -16.63
C MET B 258 -12.66 6.37 -15.81
N ASN B 259 -13.84 6.95 -15.59
CA ASN B 259 -13.94 8.24 -14.92
C ASN B 259 -13.50 8.15 -13.46
N PHE B 260 -13.87 7.06 -12.80
CA PHE B 260 -13.49 6.86 -11.40
C PHE B 260 -11.99 6.62 -11.27
N PHE B 261 -11.42 5.97 -12.28
CA PHE B 261 -9.99 5.70 -12.30
C PHE B 261 -9.21 6.98 -12.53
N ASN B 262 -9.73 7.83 -13.41
CA ASN B 262 -9.11 9.12 -13.68
C ASN B 262 -9.26 10.09 -12.50
N SER B 263 -10.34 9.92 -11.74
CA SER B 263 -10.65 10.81 -10.63
C SER B 263 -9.71 10.63 -9.44
N ARG B 264 -9.11 9.46 -9.32
CA ARG B 264 -8.23 9.18 -8.18
C ARG B 264 -6.91 8.55 -8.61
N LYS B 265 -6.11 8.14 -7.63
CA LYS B 265 -4.81 7.54 -7.88
C LYS B 265 -4.69 6.16 -7.22
N VAL B 266 -3.64 5.43 -7.57
CA VAL B 266 -3.36 4.13 -6.98
C VAL B 266 -3.33 4.15 -5.45
N GLY B 267 -2.65 5.16 -4.90
CA GLY B 267 -2.51 5.33 -3.47
C GLY B 267 -3.83 5.29 -2.72
N GLU B 268 -4.86 5.87 -3.31
CA GLU B 268 -6.20 5.84 -2.74
C GLU B 268 -6.69 4.41 -2.52
N ILE B 269 -6.83 3.67 -3.61
CA ILE B 269 -7.35 2.30 -3.56
C ILE B 269 -6.49 1.40 -2.68
N ILE B 270 -5.17 1.59 -2.72
CA ILE B 270 -4.27 0.76 -1.92
C ILE B 270 -4.45 1.04 -0.43
N SER B 271 -4.53 2.33 -0.10
CA SER B 271 -4.75 2.76 1.27
C SER B 271 -6.06 2.19 1.81
N ARG B 272 -7.12 2.31 1.00
CA ARG B 272 -8.41 1.78 1.38
C ARG B 272 -8.34 0.27 1.62
N PHE B 273 -7.62 -0.43 0.74
CA PHE B 273 -7.40 -1.86 0.90
C PHE B 273 -6.79 -2.20 2.27
N MET B 274 -5.58 -1.70 2.52
CA MET B 274 -4.85 -2.04 3.74
C MET B 274 -5.64 -1.65 5.00
N ASP B 275 -6.18 -0.44 4.97
CA ASP B 275 -6.91 0.11 6.12
C ASP B 275 -8.13 -0.76 6.44
N ALA B 276 -8.95 -1.02 5.43
CA ALA B 276 -10.14 -1.83 5.62
C ALA B 276 -9.80 -3.23 6.12
N SER B 277 -8.68 -3.78 5.63
CA SER B 277 -8.24 -5.10 6.10
C SER B 277 -7.92 -5.12 7.59
N LYS B 278 -7.06 -4.19 8.01
CA LYS B 278 -6.68 -4.11 9.42
C LYS B 278 -7.91 -3.90 10.29
N ILE B 279 -8.79 -3.01 9.83
CA ILE B 279 -10.06 -2.76 10.50
C ILE B 279 -10.89 -4.03 10.64
N ARG B 280 -10.84 -4.89 9.63
CA ARG B 280 -11.57 -6.16 9.66
C ARG B 280 -11.03 -7.12 10.73
N GLN B 281 -9.70 -7.24 10.81
CA GLN B 281 -9.12 -8.12 11.82
C GLN B 281 -9.48 -7.62 13.23
N ALA B 282 -9.36 -6.30 13.39
CA ALA B 282 -9.77 -5.64 14.62
C ALA B 282 -11.24 -5.95 14.92
N ILE B 283 -12.04 -6.05 13.87
CA ILE B 283 -13.46 -6.35 14.00
C ILE B 283 -13.69 -7.78 14.47
N SER B 284 -12.76 -8.69 14.15
CA SER B 284 -12.95 -10.08 14.58
C SER B 284 -12.52 -10.27 16.03
N GLY B 285 -11.52 -9.50 16.46
CA GLY B 285 -11.12 -9.64 17.86
C GLY B 285 -12.12 -8.92 18.75
N ALA B 286 -12.60 -7.79 18.25
CA ALA B 286 -13.70 -7.07 18.90
C ALA B 286 -14.93 -7.96 18.96
N THR B 287 -15.13 -8.78 17.94
CA THR B 287 -16.26 -9.71 17.93
C THR B 287 -16.17 -10.76 19.03
N LEU B 288 -15.00 -11.39 19.16
CA LEU B 288 -14.81 -12.38 20.23
C LEU B 288 -15.07 -11.77 21.61
N THR B 289 -14.35 -10.68 21.89
CA THR B 289 -14.49 -10.02 23.18
C THR B 289 -15.92 -9.55 23.43
N ILE B 290 -16.60 -9.17 22.34
CA ILE B 290 -17.99 -8.72 22.41
C ILE B 290 -18.94 -9.84 22.83
N MET B 291 -18.79 -11.01 22.23
CA MET B 291 -19.64 -12.14 22.58
C MET B 291 -19.46 -12.46 24.07
N ILE B 292 -18.21 -12.59 24.48
CA ILE B 292 -17.93 -12.92 25.87
C ILE B 292 -18.53 -11.88 26.80
N ASP B 293 -18.38 -10.62 26.42
CA ASP B 293 -18.86 -9.51 27.24
C ASP B 293 -20.38 -9.48 27.36
N THR B 294 -21.07 -9.79 26.27
CA THR B 294 -22.53 -9.80 26.27
C THR B 294 -23.07 -10.88 27.20
N ILE B 295 -22.60 -12.11 27.00
CA ILE B 295 -23.11 -13.22 27.82
C ILE B 295 -22.79 -12.99 29.31
N MET B 296 -21.56 -12.57 29.57
CA MET B 296 -21.12 -12.32 30.94
C MET B 296 -21.87 -11.16 31.57
N ALA B 297 -22.29 -10.20 30.75
CA ALA B 297 -23.05 -9.05 31.22
C ALA B 297 -24.46 -9.47 31.62
N VAL B 298 -25.06 -10.37 30.85
CA VAL B 298 -26.38 -10.86 31.18
C VAL B 298 -26.36 -11.64 32.50
N ILE B 299 -25.54 -12.70 32.53
CA ILE B 299 -25.44 -13.54 33.72
C ILE B 299 -25.06 -12.72 34.96
N GLY B 300 -24.01 -11.92 34.81
CA GLY B 300 -23.52 -11.07 35.88
C GLY B 300 -24.56 -10.07 36.36
N GLY B 301 -25.36 -9.55 35.43
CA GLY B 301 -26.40 -8.61 35.78
C GLY B 301 -27.47 -9.26 36.65
N ILE B 302 -27.95 -10.42 36.23
CA ILE B 302 -28.95 -11.14 37.02
C ILE B 302 -28.42 -11.49 38.41
N LEU B 303 -27.25 -12.13 38.44
CA LEU B 303 -26.65 -12.59 39.68
C LEU B 303 -26.36 -11.43 40.64
N LEU B 304 -25.84 -10.33 40.11
CA LEU B 304 -25.55 -9.16 40.92
C LEU B 304 -26.84 -8.53 41.47
N TYR B 305 -27.88 -8.53 40.65
CA TYR B 305 -29.17 -7.99 41.09
C TYR B 305 -29.71 -8.79 42.26
N ILE B 306 -29.62 -10.12 42.16
CA ILE B 306 -30.12 -10.98 43.23
C ILE B 306 -29.24 -10.96 44.49
N GLN B 307 -27.93 -10.84 44.30
CA GLN B 307 -26.98 -11.01 45.40
C GLN B 307 -26.95 -9.87 46.43
N ASN B 308 -26.97 -8.63 45.95
CA ASN B 308 -26.84 -7.48 46.85
C ASN B 308 -27.28 -6.17 46.20
N SER B 309 -28.28 -5.53 46.80
CA SER B 309 -28.84 -4.30 46.27
C SER B 309 -27.83 -3.14 46.19
N SER B 310 -27.09 -2.93 47.27
CA SER B 310 -26.15 -1.81 47.36
C SER B 310 -24.97 -2.03 46.40
N LEU B 311 -24.48 -3.25 46.34
CA LEU B 311 -23.40 -3.61 45.43
C LEU B 311 -23.87 -3.47 43.99
N PHE B 312 -25.14 -3.81 43.75
CA PHE B 312 -25.74 -3.64 42.44
C PHE B 312 -25.82 -2.17 42.06
N PHE B 313 -26.10 -1.33 43.07
CA PHE B 313 -26.12 0.11 42.86
C PHE B 313 -24.74 0.62 42.47
N ILE B 314 -23.73 0.15 43.19
CA ILE B 314 -22.34 0.49 42.88
C ILE B 314 -21.99 0.10 41.44
N SER B 315 -22.24 -1.16 41.10
CA SER B 315 -22.01 -1.67 39.75
C SER B 315 -22.74 -0.83 38.70
N PHE B 316 -23.96 -0.41 39.01
CA PHE B 316 -24.75 0.42 38.11
C PHE B 316 -24.09 1.77 37.89
N ILE B 317 -23.58 2.37 38.96
CA ILE B 317 -22.86 3.63 38.88
C ILE B 317 -21.63 3.49 37.99
N ILE B 318 -20.88 2.41 38.21
CA ILE B 318 -19.68 2.14 37.43
C ILE B 318 -20.00 2.01 35.94
N ILE B 319 -20.99 1.18 35.63
CA ILE B 319 -21.43 0.99 34.25
C ILE B 319 -21.90 2.29 33.61
N LEU B 320 -22.59 3.12 34.38
CA LEU B 320 -23.09 4.41 33.90
C LEU B 320 -21.94 5.34 33.53
N LEU B 321 -20.98 5.48 34.45
CA LEU B 321 -19.83 6.34 34.20
C LEU B 321 -19.03 5.85 33.00
N TYR B 322 -18.81 4.54 32.96
CA TYR B 322 -18.12 3.89 31.86
C TYR B 322 -18.79 4.22 30.51
N GLY B 323 -20.09 3.98 30.43
CA GLY B 323 -20.85 4.28 29.23
C GLY B 323 -20.77 5.72 28.79
N ILE B 324 -20.98 6.63 29.74
CA ILE B 324 -20.93 8.07 29.45
C ILE B 324 -19.59 8.49 28.87
N ILE B 325 -18.52 8.17 29.60
CA ILE B 325 -17.17 8.50 29.16
C ILE B 325 -16.88 7.89 27.79
N VAL B 326 -17.23 6.62 27.65
CA VAL B 326 -17.00 5.87 26.42
C VAL B 326 -17.64 6.52 25.21
N THR B 327 -18.91 6.90 25.32
CA THR B 327 -19.60 7.54 24.19
C THR B 327 -19.05 8.95 23.91
N VAL B 328 -18.84 9.70 24.99
CA VAL B 328 -18.42 11.10 24.88
C VAL B 328 -17.03 11.20 24.27
N PHE B 329 -16.24 10.14 24.44
CA PHE B 329 -14.94 10.08 23.78
C PHE B 329 -15.06 9.37 22.44
N ASN B 330 -16.14 8.61 22.27
CA ASN B 330 -16.38 7.86 21.04
C ASN B 330 -16.63 8.79 19.87
N LYS B 331 -17.53 9.75 20.05
CA LYS B 331 -17.91 10.65 18.96
C LYS B 331 -16.69 11.36 18.34
N PRO B 332 -15.83 11.94 19.19
CA PRO B 332 -14.62 12.66 18.78
C PRO B 332 -13.55 11.76 18.15
N ILE B 333 -13.48 10.51 18.61
CA ILE B 333 -12.46 9.58 18.14
C ILE B 333 -12.57 9.27 16.64
N GLN B 334 -13.80 9.09 16.17
CA GLN B 334 -14.05 8.74 14.78
C GLN B 334 -13.50 9.77 13.80
N ASN B 335 -13.67 11.05 14.14
CA ASN B 335 -13.16 12.15 13.32
C ASN B 335 -11.64 12.09 13.15
N ALA B 336 -10.94 12.02 14.27
CA ALA B 336 -9.49 11.93 14.27
C ALA B 336 -9.03 10.67 13.55
N ASN B 337 -9.85 9.62 13.63
CA ASN B 337 -9.58 8.38 12.91
C ASN B 337 -9.63 8.62 11.40
N ARG B 338 -10.67 9.34 10.96
CA ARG B 338 -10.80 9.72 9.55
C ARG B 338 -9.62 10.55 9.08
N GLN B 339 -9.20 11.50 9.91
CA GLN B 339 -8.06 12.35 9.59
C GLN B 339 -6.78 11.54 9.45
N ILE B 340 -6.55 10.65 10.41
CA ILE B 340 -5.40 9.75 10.37
C ILE B 340 -5.41 8.89 9.12
N MET B 341 -6.59 8.39 8.77
CA MET B 341 -6.76 7.59 7.57
C MET B 341 -6.40 8.38 6.32
N GLU B 342 -6.87 9.63 6.26
CA GLU B 342 -6.56 10.51 5.14
C GLU B 342 -5.05 10.79 5.01
N ASP B 343 -4.42 11.12 6.13
CA ASP B 343 -2.99 11.42 6.15
C ASP B 343 -2.15 10.20 5.74
N ASN B 344 -2.45 9.06 6.34
CA ASN B 344 -1.77 7.81 6.00
C ASN B 344 -1.98 7.44 4.55
N ALA B 345 -3.18 7.72 4.03
CA ALA B 345 -3.51 7.50 2.63
C ALA B 345 -2.62 8.36 1.74
N LYS B 346 -2.47 9.62 2.12
CA LYS B 346 -1.60 10.55 1.40
C LYS B 346 -0.16 10.04 1.38
N LEU B 347 0.29 9.55 2.53
CA LEU B 347 1.64 9.00 2.65
C LEU B 347 1.83 7.81 1.72
N THR B 348 0.87 6.89 1.73
CA THR B 348 0.91 5.72 0.88
C THR B 348 0.90 6.11 -0.61
N SER B 349 0.14 7.15 -0.94
CA SER B 349 0.07 7.66 -2.30
C SER B 349 1.42 8.20 -2.75
N ALA B 350 2.04 9.00 -1.89
CA ALA B 350 3.37 9.54 -2.17
C ALA B 350 4.38 8.42 -2.33
N LEU B 351 4.20 7.36 -1.54
CA LEU B 351 5.05 6.18 -1.61
C LEU B 351 4.93 5.49 -2.98
N VAL B 352 3.69 5.25 -3.40
CA VAL B 352 3.43 4.61 -4.68
C VAL B 352 3.97 5.44 -5.84
N GLU B 353 3.72 6.73 -5.79
CA GLU B 353 4.19 7.65 -6.83
C GLU B 353 5.70 7.67 -6.89
N SER B 354 6.35 7.64 -5.72
CA SER B 354 7.80 7.59 -5.66
C SER B 354 8.33 6.26 -6.21
N VAL B 355 7.58 5.19 -5.99
CA VAL B 355 7.96 3.87 -6.46
C VAL B 355 7.90 3.75 -7.97
N LYS B 356 6.80 4.20 -8.57
CA LYS B 356 6.66 4.19 -10.01
C LYS B 356 7.71 5.04 -10.72
N GLY B 357 7.81 6.30 -10.29
CA GLY B 357 8.76 7.24 -10.84
C GLY B 357 10.20 7.14 -10.35
N ILE B 358 10.64 5.95 -9.99
CA ILE B 358 12.00 5.76 -9.47
C ILE B 358 13.06 6.17 -10.48
N GLU B 359 12.83 5.82 -11.75
CA GLU B 359 13.76 6.14 -12.82
C GLU B 359 13.79 7.64 -13.06
N THR B 360 12.62 8.27 -12.99
CA THR B 360 12.48 9.70 -13.20
C THR B 360 13.26 10.49 -12.16
N ILE B 361 13.31 9.97 -10.93
CA ILE B 361 13.94 10.68 -9.82
C ILE B 361 15.43 10.39 -9.80
N LYS B 362 15.81 9.16 -10.11
CA LYS B 362 17.22 8.81 -10.25
C LYS B 362 17.86 9.62 -11.36
N SER B 363 17.12 9.81 -12.45
CA SER B 363 17.58 10.60 -13.58
C SER B 363 17.63 12.10 -13.28
N PHE B 364 16.53 12.63 -12.73
CA PHE B 364 16.45 14.06 -12.45
C PHE B 364 17.48 14.53 -11.43
N GLY B 365 17.70 13.71 -10.41
CA GLY B 365 18.68 14.02 -9.37
C GLY B 365 18.04 14.53 -8.09
N ALA B 366 16.79 14.96 -8.21
CA ALA B 366 16.03 15.45 -7.06
C ALA B 366 15.57 14.32 -6.13
N GLU B 367 16.33 14.11 -5.06
CA GLU B 367 15.93 13.17 -4.01
C GLU B 367 15.34 13.92 -2.83
N GLU B 368 15.88 15.11 -2.57
CA GLU B 368 15.43 15.96 -1.49
C GLU B 368 13.96 16.37 -1.62
N GLN B 369 13.46 16.40 -2.85
CA GLN B 369 12.07 16.73 -3.09
C GLN B 369 11.13 15.71 -2.45
N THR B 370 11.27 14.45 -2.86
CA THR B 370 10.45 13.37 -2.31
C THR B 370 10.78 13.11 -0.84
N GLU B 371 12.03 13.40 -0.47
CA GLU B 371 12.45 13.26 0.93
C GLU B 371 11.69 14.22 1.82
N LYS B 372 11.69 15.50 1.45
CA LYS B 372 10.97 16.53 2.19
C LYS B 372 9.46 16.32 2.13
N SER B 373 8.97 15.88 0.98
CA SER B 373 7.55 15.59 0.82
C SER B 373 7.08 14.50 1.79
N THR B 374 7.77 13.35 1.74
CA THR B 374 7.44 12.24 2.62
C THR B 374 7.67 12.61 4.08
N ARG B 375 8.62 13.52 4.31
CA ARG B 375 8.89 14.02 5.65
C ARG B 375 7.71 14.81 6.19
N ASP B 376 7.14 15.67 5.34
CA ASP B 376 5.98 16.47 5.71
C ASP B 376 4.76 15.59 5.94
N LYS B 377 4.55 14.64 5.03
CA LYS B 377 3.42 13.71 5.14
C LYS B 377 3.53 12.91 6.44
N ILE B 378 4.72 12.39 6.70
CA ILE B 378 4.98 11.64 7.93
C ILE B 378 4.81 12.51 9.16
N GLU B 379 5.16 13.78 9.04
CA GLU B 379 5.02 14.74 10.13
C GLU B 379 3.55 14.95 10.50
N THR B 380 2.73 15.23 9.49
CA THR B 380 1.31 15.45 9.70
C THR B 380 0.63 14.20 10.22
N VAL B 381 0.99 13.06 9.63
CA VAL B 381 0.45 11.77 10.06
C VAL B 381 0.81 11.50 11.52
N MET B 382 2.05 11.84 11.88
CA MET B 382 2.51 11.68 13.26
C MET B 382 1.75 12.60 14.21
N LYS B 383 1.45 13.81 13.75
CA LYS B 383 0.68 14.76 14.55
C LYS B 383 -0.72 14.23 14.84
N SER B 384 -1.41 13.80 13.78
CA SER B 384 -2.75 13.26 13.92
C SER B 384 -2.77 11.99 14.77
N SER B 385 -1.80 11.13 14.53
CA SER B 385 -1.67 9.88 15.28
C SER B 385 -1.43 10.14 16.77
N PHE B 386 -0.58 11.11 17.06
CA PHE B 386 -0.29 11.48 18.45
C PHE B 386 -1.50 12.10 19.11
N LYS B 387 -2.27 12.86 18.32
CA LYS B 387 -3.52 13.46 18.82
C LYS B 387 -4.51 12.37 19.21
N GLU B 388 -4.78 11.47 18.28
CA GLU B 388 -5.72 10.37 18.50
C GLU B 388 -5.27 9.49 19.66
N GLY B 389 -3.97 9.23 19.72
CA GLY B 389 -3.37 8.47 20.80
C GLY B 389 -3.58 9.14 22.14
N MET B 390 -3.42 10.46 22.16
CA MET B 390 -3.64 11.24 23.38
C MET B 390 -5.09 11.14 23.81
N LEU B 391 -6.00 11.20 22.85
CA LEU B 391 -7.43 11.04 23.13
C LEU B 391 -7.71 9.66 23.73
N TYR B 392 -7.08 8.64 23.15
CA TYR B 392 -7.25 7.27 23.59
C TYR B 392 -6.73 7.07 25.02
N ILE B 393 -5.60 7.71 25.32
CA ILE B 393 -5.01 7.63 26.65
C ILE B 393 -5.87 8.36 27.66
N ASN B 394 -6.48 9.46 27.22
CA ASN B 394 -7.44 10.18 28.04
C ASN B 394 -8.63 9.29 28.38
N LEU B 395 -9.18 8.63 27.36
CA LEU B 395 -10.28 7.68 27.54
C LEU B 395 -9.91 6.58 28.53
N SER B 396 -8.76 5.97 28.31
CA SER B 396 -8.27 4.90 29.18
C SER B 396 -8.11 5.38 30.61
N SER B 397 -7.67 6.62 30.77
CA SER B 397 -7.49 7.22 32.10
C SER B 397 -8.82 7.44 32.80
N LEU B 398 -9.81 7.94 32.05
CA LEU B 398 -11.14 8.19 32.60
C LEU B 398 -11.84 6.88 33.01
N THR B 399 -11.83 5.92 32.09
CA THR B 399 -12.42 4.61 32.36
C THR B 399 -11.71 3.93 33.52
N GLY B 400 -10.39 4.14 33.59
CA GLY B 400 -9.60 3.64 34.69
C GLY B 400 -10.01 4.27 36.01
N ILE B 401 -10.35 5.55 35.95
CA ILE B 401 -10.86 6.26 37.12
C ILE B 401 -12.18 5.64 37.59
N VAL B 402 -13.10 5.45 36.64
CA VAL B 402 -14.39 4.82 36.93
C VAL B 402 -14.21 3.45 37.58
N ALA B 403 -13.35 2.63 36.98
CA ALA B 403 -13.10 1.28 37.46
C ALA B 403 -12.49 1.28 38.86
N GLY B 404 -11.43 2.06 39.03
CA GLY B 404 -10.73 2.16 40.31
C GLY B 404 -11.61 2.63 41.43
N LEU B 405 -12.27 3.78 41.22
CA LEU B 405 -13.19 4.33 42.19
C LEU B 405 -14.31 3.33 42.49
N GLY B 406 -14.73 2.60 41.47
CA GLY B 406 -15.69 1.53 41.63
C GLY B 406 -15.18 0.48 42.61
N GLY B 407 -13.92 0.09 42.46
CA GLY B 407 -13.30 -0.88 43.34
C GLY B 407 -13.21 -0.41 44.77
N ILE B 408 -12.70 0.80 44.97
CA ILE B 408 -12.57 1.38 46.30
C ILE B 408 -13.92 1.49 47.00
N VAL B 409 -14.91 1.98 46.25
CA VAL B 409 -16.28 2.07 46.76
C VAL B 409 -16.80 0.70 47.14
N ILE B 410 -16.49 -0.29 46.30
CA ILE B 410 -16.91 -1.67 46.56
C ILE B 410 -16.32 -2.21 47.86
N LEU B 411 -15.04 -1.91 48.11
CA LEU B 411 -14.37 -2.37 49.32
C LEU B 411 -14.91 -1.67 50.56
N TRP B 412 -15.12 -0.36 50.48
CA TRP B 412 -15.59 0.42 51.62
C TRP B 412 -17.02 0.04 51.98
N ALA B 413 -17.90 0.05 50.98
CA ALA B 413 -19.29 -0.33 51.17
C ALA B 413 -19.40 -1.80 51.59
N GLY B 414 -18.45 -2.61 51.12
CA GLY B 414 -18.39 -4.01 51.51
C GLY B 414 -18.12 -4.16 52.98
N ALA B 415 -17.11 -3.43 53.47
CA ALA B 415 -16.79 -3.42 54.89
C ALA B 415 -17.98 -2.92 55.70
N TYR B 416 -18.61 -1.85 55.24
CA TYR B 416 -19.78 -1.29 55.89
C TYR B 416 -20.91 -2.32 56.03
N ASN B 417 -21.22 -2.98 54.93
CA ASN B 417 -22.27 -4.01 54.91
C ASN B 417 -21.88 -5.22 55.74
N VAL B 418 -20.58 -5.42 55.92
CA VAL B 418 -20.09 -6.54 56.73
C VAL B 418 -20.31 -6.25 58.22
N ILE B 419 -19.89 -5.07 58.67
CA ILE B 419 -19.98 -4.73 60.07
C ILE B 419 -21.40 -4.35 60.51
N LYS B 420 -22.26 -4.03 59.54
CA LYS B 420 -23.63 -3.66 59.84
C LYS B 420 -24.49 -4.88 60.17
N GLY B 421 -24.05 -6.04 59.70
CA GLY B 421 -24.77 -7.28 59.92
C GLY B 421 -25.60 -7.62 58.70
N ASN B 422 -25.35 -6.89 57.61
CA ASN B 422 -26.11 -7.08 56.38
C ASN B 422 -25.51 -8.16 55.49
N MET B 423 -24.22 -8.43 55.67
CA MET B 423 -23.53 -9.43 54.86
C MET B 423 -22.30 -10.00 55.58
N SER B 424 -21.83 -11.14 55.09
CA SER B 424 -20.66 -11.78 55.67
C SER B 424 -19.39 -11.39 54.90
N GLY B 425 -18.23 -11.65 55.49
CA GLY B 425 -16.96 -11.43 54.82
C GLY B 425 -16.88 -12.26 53.55
N GLY B 426 -17.38 -13.50 53.65
CA GLY B 426 -17.44 -14.38 52.50
C GLY B 426 -18.39 -13.84 51.46
N GLN B 427 -19.44 -13.16 51.92
CA GLN B 427 -20.37 -12.50 51.02
C GLN B 427 -19.68 -11.32 50.34
N LEU B 428 -18.74 -10.69 51.05
CA LEU B 428 -17.94 -9.61 50.48
C LEU B 428 -17.01 -10.12 49.38
N LEU B 429 -16.32 -11.22 49.65
CA LEU B 429 -15.41 -11.81 48.66
C LEU B 429 -16.18 -12.32 47.45
N ALA B 430 -17.30 -12.98 47.71
CA ALA B 430 -18.18 -13.45 46.65
C ALA B 430 -18.70 -12.27 45.84
N PHE B 431 -18.92 -11.16 46.53
CA PHE B 431 -19.33 -9.92 45.88
C PHE B 431 -18.23 -9.38 44.99
N ASN B 432 -16.98 -9.60 45.40
CA ASN B 432 -15.83 -9.20 44.59
C ASN B 432 -15.65 -10.07 43.35
N ALA B 433 -16.01 -11.34 43.46
CA ALA B 433 -15.83 -12.28 42.36
C ALA B 433 -16.98 -12.17 41.35
N LEU B 434 -18.18 -11.90 41.86
CA LEU B 434 -19.33 -11.67 40.99
C LEU B 434 -19.16 -10.27 40.42
N LEU B 435 -18.42 -9.44 41.14
CA LEU B 435 -17.96 -8.15 40.62
C LEU B 435 -17.02 -8.39 39.46
N ALA B 436 -16.21 -9.44 39.54
CA ALA B 436 -15.36 -9.79 38.41
C ALA B 436 -16.23 -10.27 37.25
N TYR B 437 -17.37 -10.88 37.58
CA TYR B 437 -18.25 -11.44 36.56
C TYR B 437 -19.22 -10.38 36.01
N PHE B 438 -19.16 -9.18 36.58
CA PHE B 438 -19.89 -8.04 36.02
C PHE B 438 -18.92 -7.09 35.31
N LEU B 439 -17.71 -7.01 35.85
CA LEU B 439 -16.66 -6.13 35.35
C LEU B 439 -15.95 -6.70 34.14
N THR B 440 -16.11 -8.02 33.93
CA THR B 440 -15.59 -8.65 32.73
C THR B 440 -16.02 -7.88 31.49
N PRO B 441 -17.27 -7.40 31.50
CA PRO B 441 -17.96 -6.59 30.49
C PRO B 441 -17.36 -5.18 30.32
N VAL B 442 -16.98 -4.54 31.42
CA VAL B 442 -16.51 -3.16 31.37
C VAL B 442 -15.08 -3.04 30.84
N LYS B 443 -14.23 -3.99 31.19
CA LYS B 443 -12.89 -4.06 30.64
C LYS B 443 -12.98 -4.30 29.13
N ASN B 444 -13.90 -5.20 28.76
CA ASN B 444 -14.19 -5.48 27.37
C ASN B 444 -14.70 -4.25 26.62
N LEU B 445 -15.41 -3.38 27.34
CA LEU B 445 -15.92 -2.15 26.77
C LEU B 445 -14.79 -1.14 26.61
N ILE B 446 -13.83 -1.19 27.52
CA ILE B 446 -12.68 -0.30 27.46
C ILE B 446 -11.80 -0.70 26.29
N ASP B 447 -11.71 -2.00 26.03
CA ASP B 447 -11.02 -2.47 24.86
C ASP B 447 -11.83 -2.20 23.59
N LEU B 448 -13.14 -2.13 23.75
CA LEU B 448 -14.03 -1.89 22.61
C LEU B 448 -13.99 -0.44 22.16
N GLN B 449 -13.71 0.46 23.08
CA GLN B 449 -13.62 1.88 22.76
C GLN B 449 -12.44 2.17 21.82
N PRO B 450 -11.30 1.49 22.05
CA PRO B 450 -10.17 1.60 21.13
C PRO B 450 -10.50 0.90 19.81
N LEU B 451 -11.28 -0.18 19.90
CA LEU B 451 -11.76 -0.90 18.74
C LEU B 451 -12.75 -0.05 17.93
N ILE B 452 -13.46 0.82 18.63
CA ILE B 452 -14.46 1.69 18.03
C ILE B 452 -13.89 2.55 16.92
N GLN B 453 -12.65 3.02 17.10
CA GLN B 453 -11.96 3.78 16.07
C GLN B 453 -11.80 2.95 14.79
N THR B 454 -11.34 1.71 14.97
CA THR B 454 -11.20 0.77 13.85
C THR B 454 -12.54 0.50 13.18
N ALA B 455 -13.59 0.45 13.99
CA ALA B 455 -14.94 0.24 13.46
C ALA B 455 -15.38 1.44 12.64
N VAL B 456 -15.01 2.63 13.08
CA VAL B 456 -15.29 3.86 12.35
C VAL B 456 -14.57 3.88 11.02
N VAL B 457 -13.28 3.51 11.03
CA VAL B 457 -12.49 3.39 9.83
C VAL B 457 -13.12 2.39 8.85
N ALA B 458 -13.64 1.30 9.40
CA ALA B 458 -14.33 0.29 8.60
C ALA B 458 -15.60 0.85 7.99
N SER B 459 -16.31 1.68 8.75
CA SER B 459 -17.52 2.34 8.27
C SER B 459 -17.21 3.29 7.12
N ASN B 460 -16.15 4.08 7.28
CA ASN B 460 -15.71 4.99 6.23
C ASN B 460 -15.30 4.24 4.98
N ARG B 461 -14.59 3.13 5.18
CA ARG B 461 -14.19 2.26 4.07
C ARG B 461 -15.42 1.71 3.36
N LEU B 462 -16.44 1.34 4.12
CA LEU B 462 -17.66 0.80 3.56
C LEU B 462 -18.41 1.87 2.78
N GLY B 463 -18.29 3.11 3.24
CA GLY B 463 -18.88 4.23 2.54
C GLY B 463 -18.18 4.49 1.23
N GLU B 464 -16.87 4.40 1.25
CA GLU B 464 -16.05 4.58 0.04
C GLU B 464 -16.35 3.49 -1.00
N ILE B 465 -16.50 2.25 -0.54
CA ILE B 465 -16.75 1.13 -1.42
C ILE B 465 -18.20 1.07 -1.91
N LEU B 466 -19.11 1.63 -1.12
CA LEU B 466 -20.53 1.66 -1.50
C LEU B 466 -20.82 2.62 -2.66
N GLU B 467 -20.12 3.73 -2.70
CA GLU B 467 -20.31 4.72 -3.77
C GLU B 467 -19.73 4.26 -5.11
N LEU B 468 -18.63 3.52 -5.04
CA LEU B 468 -17.93 3.06 -6.23
C LEU B 468 -18.67 1.99 -7.03
N ALA B 469 -19.49 1.20 -6.36
CA ALA B 469 -20.24 0.12 -7.00
C ALA B 469 -21.35 0.60 -7.93
N THR B 470 -21.66 1.89 -7.88
CA THR B 470 -22.76 2.47 -8.65
C THR B 470 -22.55 2.43 -10.16
N GLU B 471 -21.50 3.11 -10.64
CA GLU B 471 -21.28 3.33 -12.07
C GLU B 471 -20.68 2.14 -12.83
N LYS B 472 -20.98 0.93 -12.40
CA LYS B 472 -20.47 -0.26 -13.09
C LYS B 472 -21.41 -0.82 -14.15
N GLU B 473 -22.72 -0.79 -13.89
CA GLU B 473 -23.69 -1.37 -14.83
C GLU B 473 -24.96 -0.52 -14.94
N LEU B 474 -25.02 0.55 -14.15
CA LEU B 474 -26.18 1.44 -14.13
C LEU B 474 -26.08 2.54 -15.17
N ARG B 475 -24.89 2.75 -15.69
CA ARG B 475 -24.63 3.80 -16.67
C ARG B 475 -25.41 3.61 -17.98
N GLU B 476 -25.74 2.37 -18.34
CA GLU B 476 -26.43 2.15 -19.60
C GLU B 476 -27.96 2.11 -19.48
N ASP B 477 -28.46 1.69 -18.32
CA ASP B 477 -29.89 1.56 -18.03
C ASP B 477 -30.78 1.28 -19.24
N SER B 478 -30.35 0.36 -20.11
CA SER B 478 -31.01 0.11 -21.38
C SER B 478 -31.16 -1.37 -21.70
N ASP B 479 -30.64 -2.23 -20.83
CA ASP B 479 -30.68 -3.68 -21.05
C ASP B 479 -29.81 -4.04 -22.25
N ASP B 480 -29.89 -5.28 -22.72
CA ASP B 480 -29.02 -5.71 -23.81
C ASP B 480 -29.74 -6.58 -24.82
N PHE B 481 -29.38 -7.86 -24.88
CA PHE B 481 -30.05 -8.83 -25.75
C PHE B 481 -29.85 -8.50 -27.22
N VAL B 482 -28.79 -7.75 -27.52
CA VAL B 482 -28.46 -7.42 -28.90
C VAL B 482 -27.37 -8.36 -29.40
N ILE B 483 -27.39 -8.67 -30.69
CA ILE B 483 -26.44 -9.63 -31.25
C ILE B 483 -25.73 -9.18 -32.52
N SER B 484 -25.22 -7.95 -32.52
CA SER B 484 -24.50 -7.47 -33.69
C SER B 484 -23.12 -8.12 -33.72
N LEU B 485 -22.56 -8.28 -34.93
CA LEU B 485 -21.26 -8.92 -35.08
C LEU B 485 -20.17 -7.89 -35.34
N LYS B 486 -20.41 -7.02 -36.31
CA LYS B 486 -19.45 -5.99 -36.71
C LYS B 486 -20.15 -4.96 -37.58
N GLY B 487 -20.15 -3.71 -37.14
CA GLY B 487 -20.89 -2.67 -37.85
C GLY B 487 -20.09 -1.48 -38.33
N ASP B 488 -20.76 -0.59 -39.03
CA ASP B 488 -20.17 0.65 -39.50
C ASP B 488 -20.31 1.73 -38.43
N ILE B 489 -19.26 2.51 -38.20
CA ILE B 489 -19.24 3.41 -37.06
C ILE B 489 -19.24 4.89 -37.48
N GLU B 490 -20.31 5.60 -37.13
CA GLU B 490 -20.44 7.01 -37.51
C GLU B 490 -20.63 7.90 -36.29
N PHE B 491 -20.13 9.14 -36.37
CA PHE B 491 -20.31 10.10 -35.29
C PHE B 491 -21.28 11.20 -35.71
N ARG B 492 -22.29 11.43 -34.88
CA ARG B 492 -23.36 12.37 -35.22
C ARG B 492 -23.57 13.45 -34.15
N ASN B 493 -23.20 14.68 -34.52
CA ASN B 493 -23.40 15.88 -33.71
C ASN B 493 -22.94 15.73 -32.27
N VAL B 494 -21.73 15.21 -32.07
CA VAL B 494 -21.22 14.96 -30.72
C VAL B 494 -20.70 16.24 -30.08
N ASP B 495 -20.91 16.37 -28.78
CA ASP B 495 -20.45 17.53 -28.03
C ASP B 495 -20.24 17.18 -26.55
N PHE B 496 -19.08 16.59 -26.26
CA PHE B 496 -18.77 16.21 -24.89
C PHE B 496 -17.46 16.84 -24.41
N ARG B 497 -17.46 17.30 -23.16
CA ARG B 497 -16.26 17.83 -22.54
C ARG B 497 -15.88 17.00 -21.33
N TYR B 498 -14.66 16.49 -21.31
CA TYR B 498 -14.18 15.67 -20.21
C TYR B 498 -13.74 16.52 -19.02
N GLY B 499 -14.00 17.82 -19.11
CA GLY B 499 -13.64 18.75 -18.06
C GLY B 499 -14.68 19.85 -17.92
N LEU B 500 -14.48 20.74 -16.94
CA LEU B 500 -15.41 21.83 -16.69
C LEU B 500 -15.48 22.77 -17.90
N ARG B 501 -14.33 23.27 -18.33
CA ARG B 501 -14.27 24.14 -19.49
C ARG B 501 -13.41 23.54 -20.60
N LYS B 502 -13.20 24.30 -21.66
CA LYS B 502 -12.39 23.88 -22.80
C LYS B 502 -12.82 22.52 -23.35
N PRO B 503 -13.95 22.48 -24.07
CA PRO B 503 -14.48 21.22 -24.59
C PRO B 503 -13.57 20.57 -25.62
N VAL B 504 -13.40 19.25 -25.52
CA VAL B 504 -12.59 18.50 -26.48
C VAL B 504 -13.32 18.38 -27.82
N LEU B 505 -14.62 18.17 -27.75
CA LEU B 505 -15.44 18.11 -28.96
C LEU B 505 -16.58 19.13 -28.92
N LYS B 506 -16.51 20.10 -29.82
CA LYS B 506 -17.57 21.09 -29.95
C LYS B 506 -18.60 20.63 -30.98
N ASN B 507 -18.14 19.88 -31.97
CA ASN B 507 -18.98 19.32 -33.02
C ASN B 507 -18.22 18.28 -33.84
N ILE B 508 -18.74 17.06 -33.89
CA ILE B 508 -18.06 15.99 -34.59
C ILE B 508 -19.00 15.19 -35.49
N ASN B 509 -18.77 15.26 -36.80
CA ASN B 509 -19.52 14.46 -37.74
C ASN B 509 -18.60 13.56 -38.57
N LEU B 510 -18.81 12.26 -38.47
CA LEU B 510 -17.94 11.28 -39.12
C LEU B 510 -18.73 10.07 -39.61
N THR B 511 -18.11 9.29 -40.50
CA THR B 511 -18.72 8.08 -41.02
C THR B 511 -17.64 7.08 -41.44
N ILE B 512 -17.67 5.89 -40.82
CA ILE B 512 -16.72 4.84 -41.13
C ILE B 512 -17.43 3.57 -41.62
N PRO B 513 -17.01 3.09 -42.81
CA PRO B 513 -17.48 1.99 -43.66
C PRO B 513 -17.07 0.60 -43.18
N LYS B 514 -17.98 -0.35 -43.28
CA LYS B 514 -17.72 -1.74 -42.90
C LYS B 514 -16.70 -2.38 -43.86
N GLY B 515 -15.74 -3.09 -43.29
CA GLY B 515 -14.73 -3.77 -44.07
C GLY B 515 -13.79 -2.80 -44.77
N LYS B 516 -13.60 -1.64 -44.17
CA LYS B 516 -12.70 -0.64 -44.75
C LYS B 516 -11.74 -0.07 -43.70
N THR B 517 -10.49 0.07 -44.10
CA THR B 517 -9.45 0.62 -43.22
C THR B 517 -9.41 2.14 -43.28
N VAL B 518 -9.54 2.79 -42.12
CA VAL B 518 -9.53 4.25 -42.07
C VAL B 518 -8.35 4.75 -41.25
N ALA B 519 -7.85 5.93 -41.61
CA ALA B 519 -6.72 6.52 -40.93
C ALA B 519 -6.98 7.98 -40.58
N ILE B 520 -6.76 8.33 -39.31
CA ILE B 520 -6.90 9.70 -38.87
C ILE B 520 -5.57 10.25 -38.38
N VAL B 521 -5.15 11.37 -38.97
CA VAL B 521 -3.88 11.97 -38.60
C VAL B 521 -4.08 13.29 -37.87
N GLY B 522 -3.53 13.38 -36.67
CA GLY B 522 -3.59 14.61 -35.91
C GLY B 522 -2.47 14.71 -34.89
N GLU B 523 -2.15 15.95 -34.52
CA GLU B 523 -1.12 16.21 -33.53
C GLU B 523 -1.56 15.78 -32.13
N SER B 524 -0.65 15.95 -31.18
CA SER B 524 -0.92 15.60 -29.80
C SER B 524 -1.83 16.66 -29.18
N GLY B 525 -3.08 16.29 -28.90
CA GLY B 525 -4.02 17.22 -28.31
C GLY B 525 -5.33 17.38 -29.06
N SER B 526 -5.35 16.88 -30.30
CA SER B 526 -6.52 17.06 -31.16
C SER B 526 -7.78 16.36 -30.63
N GLY B 527 -7.72 15.05 -30.39
CA GLY B 527 -8.88 14.33 -29.88
C GLY B 527 -9.07 12.87 -30.30
N LYS B 528 -7.98 12.21 -30.69
CA LYS B 528 -8.09 10.86 -31.23
C LYS B 528 -8.26 9.83 -30.12
N THR B 529 -7.53 10.00 -29.03
CA THR B 529 -7.64 9.10 -27.90
C THR B 529 -9.00 9.28 -27.25
N THR B 530 -9.50 10.52 -27.23
CA THR B 530 -10.82 10.81 -26.70
C THR B 530 -11.86 10.11 -27.57
N LEU B 531 -11.61 10.12 -28.88
CA LEU B 531 -12.48 9.46 -29.83
C LEU B 531 -12.53 7.95 -29.58
N ALA B 532 -11.35 7.35 -29.41
CA ALA B 532 -11.25 5.92 -29.14
C ALA B 532 -11.94 5.56 -27.84
N LYS B 533 -11.82 6.43 -26.85
CA LYS B 533 -12.47 6.22 -25.56
C LYS B 533 -13.98 6.27 -25.73
N LEU B 534 -14.45 7.17 -26.59
CA LEU B 534 -15.88 7.30 -26.87
C LEU B 534 -16.42 6.06 -27.58
N LEU B 535 -15.61 5.52 -28.50
CA LEU B 535 -15.98 4.29 -29.21
C LEU B 535 -16.02 3.09 -28.27
N MET B 536 -15.10 3.09 -27.30
CA MET B 536 -15.03 2.02 -26.31
C MET B 536 -16.07 2.20 -25.22
N ASN B 537 -16.80 3.31 -25.29
CA ASN B 537 -17.75 3.72 -24.25
C ASN B 537 -17.06 3.91 -22.90
N PHE B 538 -15.75 4.17 -22.95
CA PHE B 538 -14.99 4.50 -21.75
C PHE B 538 -15.50 5.80 -21.14
N TYR B 539 -15.65 6.82 -21.98
CA TYR B 539 -16.25 8.07 -21.57
C TYR B 539 -17.50 8.37 -22.41
N SER B 540 -18.65 8.48 -21.74
CA SER B 540 -19.90 8.74 -22.41
C SER B 540 -19.94 10.16 -22.98
N PRO B 541 -20.75 10.37 -24.03
CA PRO B 541 -20.84 11.69 -24.67
C PRO B 541 -22.00 12.51 -24.12
N GLU B 542 -21.71 13.74 -23.71
CA GLU B 542 -22.73 14.62 -23.13
C GLU B 542 -23.85 14.94 -24.11
N LYS B 543 -23.49 15.52 -25.25
CA LYS B 543 -24.48 15.91 -26.26
C LYS B 543 -24.21 15.22 -27.58
N GLY B 544 -25.28 14.85 -28.29
CA GLY B 544 -25.14 14.16 -29.56
C GLY B 544 -24.86 12.69 -29.36
N ASP B 545 -24.77 11.94 -30.46
CA ASP B 545 -24.61 10.49 -30.33
C ASP B 545 -23.75 9.89 -31.43
N ILE B 546 -23.60 8.57 -31.38
CA ILE B 546 -22.86 7.85 -32.41
C ILE B 546 -23.68 6.64 -32.84
N LEU B 547 -23.49 6.20 -34.08
CA LEU B 547 -24.25 5.08 -34.61
C LEU B 547 -23.36 3.92 -35.03
N ILE B 548 -23.67 2.72 -34.53
CA ILE B 548 -22.96 1.51 -34.93
C ILE B 548 -23.94 0.46 -35.43
N ASN B 549 -23.75 0.02 -36.67
CA ASN B 549 -24.61 -0.99 -37.29
C ASN B 549 -26.09 -0.63 -37.25
N GLY B 550 -26.39 0.67 -37.31
CA GLY B 550 -27.77 1.14 -37.20
C GLY B 550 -28.30 1.08 -35.79
N HIS B 551 -27.43 1.34 -34.83
CA HIS B 551 -27.82 1.32 -33.42
C HIS B 551 -26.89 2.20 -32.58
N SER B 552 -27.47 2.86 -31.58
CA SER B 552 -26.69 3.75 -30.70
C SER B 552 -25.70 2.96 -29.85
N ILE B 553 -24.57 3.59 -29.54
CA ILE B 553 -23.54 2.96 -28.73
C ILE B 553 -24.03 2.70 -27.31
N LYS B 554 -24.94 3.54 -26.84
CA LYS B 554 -25.50 3.43 -25.50
C LYS B 554 -26.25 2.10 -25.31
N ASN B 555 -26.92 1.64 -26.35
CA ASN B 555 -27.74 0.43 -26.28
C ASN B 555 -26.95 -0.85 -26.46
N ILE B 556 -25.77 -0.74 -27.08
CA ILE B 556 -24.93 -1.91 -27.35
C ILE B 556 -24.33 -2.48 -26.07
N SER B 557 -24.15 -3.80 -26.04
CA SER B 557 -23.56 -4.45 -24.88
C SER B 557 -22.09 -4.09 -24.74
N LEU B 558 -21.71 -3.64 -23.56
CA LEU B 558 -20.36 -3.15 -23.31
C LEU B 558 -19.33 -4.27 -23.33
N GLU B 559 -19.75 -5.48 -22.96
CA GLU B 559 -18.85 -6.62 -22.97
C GLU B 559 -18.47 -7.01 -24.40
N LEU B 560 -19.45 -7.00 -25.29
CA LEU B 560 -19.23 -7.36 -26.68
C LEU B 560 -18.38 -6.28 -27.37
N ILE B 561 -18.64 -5.02 -27.02
CA ILE B 561 -17.83 -3.91 -27.49
C ILE B 561 -16.39 -4.04 -27.00
N ARG B 562 -16.24 -4.53 -25.77
CA ARG B 562 -14.93 -4.72 -25.16
C ARG B 562 -14.14 -5.80 -25.88
N LYS B 563 -14.76 -6.95 -26.10
CA LYS B 563 -14.06 -8.09 -26.69
C LYS B 563 -13.83 -7.91 -28.19
N LYS B 564 -14.85 -7.43 -28.89
CA LYS B 564 -14.79 -7.33 -30.35
C LYS B 564 -13.94 -6.16 -30.84
N ILE B 565 -13.71 -5.17 -29.98
CA ILE B 565 -12.90 -4.02 -30.37
C ILE B 565 -11.58 -4.01 -29.61
N ALA B 566 -10.48 -3.90 -30.35
CA ALA B 566 -9.16 -3.90 -29.73
C ALA B 566 -8.42 -2.60 -29.95
N PHE B 567 -7.79 -2.07 -28.90
CA PHE B 567 -7.05 -0.82 -29.01
C PHE B 567 -5.55 -1.00 -28.76
N VAL B 568 -4.73 -0.59 -29.72
CA VAL B 568 -3.28 -0.63 -29.56
C VAL B 568 -2.76 0.71 -29.06
N SER B 569 -2.23 0.74 -27.85
CA SER B 569 -1.85 2.00 -27.20
C SER B 569 -0.43 2.48 -27.53
N GLN B 570 -0.26 3.80 -27.58
CA GLN B 570 1.05 4.42 -27.74
C GLN B 570 1.89 4.24 -26.48
N ASP B 571 1.25 4.32 -25.33
CA ASP B 571 1.91 4.07 -24.05
C ASP B 571 1.57 2.67 -23.57
N VAL B 572 2.48 1.74 -23.81
CA VAL B 572 2.24 0.33 -23.51
C VAL B 572 2.38 -0.02 -22.03
N PHE B 573 1.43 -0.79 -21.54
CA PHE B 573 1.43 -1.27 -20.15
C PHE B 573 1.57 -2.79 -20.12
N ILE B 574 2.41 -3.29 -19.22
CA ILE B 574 2.60 -4.73 -19.09
C ILE B 574 2.38 -5.19 -17.65
N PHE B 575 1.37 -6.02 -17.45
CA PHE B 575 1.03 -6.53 -16.13
C PHE B 575 1.93 -7.70 -15.73
N SER B 576 2.19 -7.83 -14.44
CA SER B 576 3.07 -8.87 -13.91
C SER B 576 2.54 -10.28 -14.19
N GLY B 577 3.41 -11.14 -14.73
CA GLY B 577 3.03 -12.51 -15.03
C GLY B 577 3.86 -13.12 -16.15
N THR B 578 3.45 -14.30 -16.60
CA THR B 578 4.11 -14.98 -17.70
C THR B 578 3.85 -14.23 -19.00
N VAL B 579 4.82 -14.26 -19.91
CA VAL B 579 4.70 -13.55 -21.18
C VAL B 579 3.54 -14.08 -22.01
N LYS B 580 3.32 -15.40 -21.95
CA LYS B 580 2.21 -16.02 -22.65
C LYS B 580 0.86 -15.48 -22.18
N GLU B 581 0.76 -15.23 -20.87
CA GLU B 581 -0.48 -14.77 -20.27
C GLU B 581 -0.69 -13.28 -20.54
N ASN B 582 0.37 -12.50 -20.36
CA ASN B 582 0.33 -11.07 -20.65
C ASN B 582 0.00 -10.81 -22.11
N LEU B 583 0.42 -11.75 -22.97
CA LEU B 583 0.09 -11.69 -24.39
C LEU B 583 -1.33 -12.18 -24.64
N CYS B 584 -1.81 -13.08 -23.78
CA CYS B 584 -3.14 -13.67 -23.96
C CYS B 584 -4.16 -13.07 -23.01
N LEU B 585 -3.93 -11.83 -22.58
CA LEU B 585 -4.88 -11.11 -21.74
C LEU B 585 -6.17 -10.81 -22.51
N GLY B 586 -7.31 -10.87 -21.82
CA GLY B 586 -8.59 -10.62 -22.45
C GLY B 586 -9.36 -11.89 -22.72
N ASN B 587 -8.88 -12.68 -23.68
CA ASN B 587 -9.52 -13.93 -24.03
C ASN B 587 -8.90 -15.12 -23.31
N GLU B 588 -9.70 -15.79 -22.48
CA GLU B 588 -9.22 -16.95 -21.74
C GLU B 588 -9.43 -18.22 -22.55
N ASN B 589 -8.66 -19.25 -22.22
CA ASN B 589 -8.70 -20.53 -22.93
C ASN B 589 -8.49 -20.36 -24.43
N VAL B 590 -7.43 -19.63 -24.80
CA VAL B 590 -7.12 -19.38 -26.20
C VAL B 590 -6.10 -20.39 -26.73
N ASP B 591 -6.38 -20.93 -27.91
CA ASP B 591 -5.51 -21.93 -28.52
C ASP B 591 -4.11 -21.38 -28.80
N MET B 592 -3.10 -22.22 -28.61
CA MET B 592 -1.71 -21.83 -28.82
C MET B 592 -1.42 -21.51 -30.28
N ASP B 593 -2.21 -22.08 -31.18
CA ASP B 593 -2.02 -21.86 -32.61
C ASP B 593 -2.33 -20.40 -32.98
N GLU B 594 -3.35 -19.83 -32.35
CA GLU B 594 -3.74 -18.45 -32.62
C GLU B 594 -2.72 -17.48 -32.05
N ILE B 595 -2.20 -17.81 -30.88
CA ILE B 595 -1.20 -16.97 -30.23
C ILE B 595 0.13 -17.00 -30.98
N ILE B 596 0.49 -18.18 -31.47
CA ILE B 596 1.72 -18.34 -32.24
C ILE B 596 1.60 -17.71 -33.62
N LYS B 597 0.39 -17.75 -34.18
CA LYS B 597 0.14 -17.14 -35.48
C LYS B 597 0.17 -15.63 -35.36
N ALA B 598 -0.41 -15.11 -34.29
CA ALA B 598 -0.42 -13.67 -34.02
C ALA B 598 0.99 -13.19 -33.73
N ALA B 599 1.75 -14.00 -33.01
CA ALA B 599 3.14 -13.68 -32.69
C ALA B 599 3.99 -13.66 -33.96
N LYS B 600 3.77 -14.64 -34.83
CA LYS B 600 4.47 -14.72 -36.09
C LYS B 600 4.12 -13.53 -36.99
N MET B 601 2.87 -13.10 -36.93
CA MET B 601 2.40 -11.97 -37.72
C MET B 601 2.87 -10.64 -37.14
N ALA B 602 3.04 -10.61 -35.81
CA ALA B 602 3.49 -9.41 -35.13
C ALA B 602 5.00 -9.20 -35.29
N ASN B 603 5.67 -10.17 -35.90
CA ASN B 603 7.11 -10.14 -36.14
C ASN B 603 7.93 -10.08 -34.86
N ALA B 604 7.27 -10.28 -33.72
CA ALA B 604 7.95 -10.29 -32.43
C ALA B 604 8.28 -11.71 -32.00
N HIS B 605 7.77 -12.69 -32.74
CA HIS B 605 8.00 -14.10 -32.45
C HIS B 605 9.48 -14.43 -32.30
N ASP B 606 10.31 -13.82 -33.15
CA ASP B 606 11.75 -13.98 -33.07
C ASP B 606 12.29 -13.46 -31.74
N PHE B 607 11.80 -12.29 -31.32
CA PHE B 607 12.22 -11.69 -30.06
C PHE B 607 11.56 -12.40 -28.88
N ILE B 608 10.59 -13.25 -29.18
CA ILE B 608 9.94 -14.07 -28.17
C ILE B 608 10.75 -15.34 -27.93
N GLU B 609 11.28 -15.90 -29.00
CA GLU B 609 12.11 -17.10 -28.91
C GLU B 609 13.49 -16.76 -28.37
N LYS B 610 13.88 -15.50 -28.51
CA LYS B 610 15.16 -15.03 -28.00
C LYS B 610 15.18 -15.02 -26.48
N LEU B 611 14.00 -14.97 -25.88
CA LEU B 611 13.85 -14.99 -24.43
C LEU B 611 14.46 -16.24 -23.81
N PRO B 612 14.96 -16.12 -22.58
CA PRO B 612 15.57 -17.22 -21.81
C PRO B 612 14.62 -18.40 -21.62
N LEU B 613 13.45 -18.14 -21.06
CA LEU B 613 12.48 -19.21 -20.78
C LEU B 613 11.38 -19.25 -21.83
N LYS B 614 11.76 -19.11 -23.10
CA LYS B 614 10.84 -19.19 -24.22
C LYS B 614 9.64 -18.25 -24.09
N TYR B 615 8.47 -18.83 -23.82
CA TYR B 615 7.24 -18.06 -23.72
C TYR B 615 6.86 -17.75 -22.27
N ASP B 616 7.43 -18.51 -21.33
CA ASP B 616 7.05 -18.38 -19.93
C ASP B 616 7.99 -17.47 -19.14
N THR B 617 8.67 -16.57 -19.85
CA THR B 617 9.56 -15.60 -19.21
C THR B 617 8.78 -14.64 -18.33
N PHE B 618 9.32 -14.37 -17.14
CA PHE B 618 8.65 -13.48 -16.18
C PHE B 618 8.63 -12.05 -16.67
N LEU B 619 7.43 -11.49 -16.81
CA LEU B 619 7.29 -10.11 -17.24
C LEU B 619 6.66 -9.24 -16.16
N ASN B 620 7.52 -8.56 -15.40
CA ASN B 620 7.08 -7.71 -14.29
C ASN B 620 7.63 -6.30 -14.49
N GLU B 621 6.74 -5.36 -14.73
CA GLU B 621 7.11 -3.98 -15.05
C GLU B 621 8.01 -4.00 -16.29
N SER B 622 8.98 -3.09 -16.33
CA SER B 622 9.90 -3.05 -17.47
C SER B 622 11.10 -3.95 -17.22
N GLY B 623 10.98 -4.85 -16.25
CA GLY B 623 12.04 -5.79 -15.95
C GLY B 623 11.64 -7.24 -16.18
N ALA B 624 12.64 -8.10 -16.33
CA ALA B 624 14.03 -7.67 -16.39
C ALA B 624 14.34 -7.16 -17.79
N ASN B 625 13.85 -7.87 -18.80
CA ASN B 625 14.06 -7.50 -20.19
C ASN B 625 12.75 -7.22 -20.94
N LEU B 626 12.68 -6.07 -21.60
CA LEU B 626 11.48 -5.69 -22.35
C LEU B 626 11.78 -4.56 -23.34
N SER B 627 11.30 -4.72 -24.56
CA SER B 627 11.48 -3.71 -25.60
C SER B 627 10.17 -2.99 -25.90
N GLU B 628 10.26 -1.68 -26.14
CA GLU B 628 9.08 -0.89 -26.50
C GLU B 628 8.47 -1.37 -27.81
N GLY B 629 9.33 -1.64 -28.79
CA GLY B 629 8.89 -2.17 -30.06
C GLY B 629 8.24 -3.53 -29.87
N GLN B 630 8.90 -4.39 -29.09
CA GLN B 630 8.36 -5.70 -28.75
C GLN B 630 7.06 -5.56 -27.96
N LYS B 631 6.95 -4.49 -27.17
CA LYS B 631 5.75 -4.24 -26.38
C LYS B 631 4.55 -3.90 -27.26
N GLN B 632 4.75 -2.94 -28.16
CA GLN B 632 3.69 -2.54 -29.09
C GLN B 632 3.32 -3.70 -30.02
N ARG B 633 4.34 -4.43 -30.45
CA ARG B 633 4.13 -5.63 -31.26
C ARG B 633 3.32 -6.67 -30.49
N LEU B 634 3.53 -6.72 -29.17
CA LEU B 634 2.80 -7.64 -28.31
C LEU B 634 1.35 -7.20 -28.16
N ALA B 635 1.14 -5.89 -28.08
CA ALA B 635 -0.21 -5.34 -28.03
C ALA B 635 -0.97 -5.67 -29.31
N ILE B 636 -0.31 -5.49 -30.45
CA ILE B 636 -0.87 -5.85 -31.74
C ILE B 636 -1.15 -7.34 -31.82
N ALA B 637 -0.27 -8.15 -31.24
CA ALA B 637 -0.42 -9.60 -31.22
C ALA B 637 -1.64 -10.00 -30.39
N ARG B 638 -1.86 -9.29 -29.28
CA ARG B 638 -3.02 -9.52 -28.44
C ARG B 638 -4.30 -9.14 -29.19
N ALA B 639 -4.25 -7.99 -29.86
CA ALA B 639 -5.37 -7.53 -30.67
C ALA B 639 -5.72 -8.54 -31.76
N LEU B 640 -4.69 -9.17 -32.32
CA LEU B 640 -4.88 -10.18 -33.35
C LEU B 640 -5.47 -11.47 -32.78
N LEU B 641 -4.95 -11.88 -31.61
CA LEU B 641 -5.40 -13.11 -30.97
C LEU B 641 -6.84 -13.00 -30.46
N LYS B 642 -7.31 -11.78 -30.26
CA LYS B 642 -8.66 -11.54 -29.77
C LYS B 642 -9.70 -11.73 -30.89
N LYS B 643 -9.21 -11.77 -32.13
CA LYS B 643 -10.07 -11.85 -33.32
C LYS B 643 -11.11 -10.73 -33.30
N PRO B 644 -10.65 -9.48 -33.52
CA PRO B 644 -11.43 -8.26 -33.36
C PRO B 644 -12.39 -7.98 -34.52
N ASP B 645 -13.61 -7.56 -34.18
CA ASP B 645 -14.56 -7.09 -35.17
C ASP B 645 -14.31 -5.63 -35.49
N ILE B 646 -13.62 -4.95 -34.58
CA ILE B 646 -13.25 -3.55 -34.76
C ILE B 646 -11.82 -3.31 -34.26
N LEU B 647 -10.97 -2.78 -35.12
CA LEU B 647 -9.56 -2.60 -34.79
C LEU B 647 -9.15 -1.13 -34.73
N ILE B 648 -8.84 -0.67 -33.52
CA ILE B 648 -8.35 0.69 -33.33
C ILE B 648 -6.86 0.66 -32.96
N LEU B 649 -6.06 1.37 -33.74
CA LEU B 649 -4.62 1.41 -33.51
C LEU B 649 -4.11 2.83 -33.39
N ASP B 650 -3.39 3.10 -32.31
CA ASP B 650 -2.71 4.38 -32.15
C ASP B 650 -1.42 4.35 -32.97
N GLN B 651 -0.60 5.38 -32.81
CA GLN B 651 0.69 5.44 -33.50
C GLN B 651 1.66 4.40 -32.92
N ALA B 652 1.32 3.13 -33.05
CA ALA B 652 2.14 2.05 -32.53
C ALA B 652 3.44 1.93 -33.32
N THR B 653 3.35 2.16 -34.62
CA THR B 653 4.51 2.17 -35.49
C THR B 653 5.46 3.29 -35.08
N SER B 654 4.88 4.41 -34.63
CA SER B 654 5.65 5.58 -34.25
C SER B 654 6.47 5.38 -32.97
N ASN B 655 6.12 4.37 -32.19
CA ASN B 655 6.80 4.10 -30.94
C ASN B 655 8.26 3.67 -31.17
N LEU B 656 8.44 2.77 -32.13
CA LEU B 656 9.75 2.22 -32.43
C LEU B 656 9.98 1.99 -33.93
N ASP B 657 10.48 3.02 -34.61
CA ASP B 657 10.37 3.15 -36.07
C ASP B 657 10.72 1.96 -36.97
N SER B 658 11.91 1.39 -36.85
CA SER B 658 12.41 0.41 -37.84
C SER B 658 11.72 -0.96 -37.84
N ILE B 659 11.80 -1.64 -36.70
CA ILE B 659 11.19 -2.96 -36.55
C ILE B 659 9.69 -2.81 -36.75
N THR B 660 9.17 -1.66 -36.34
CA THR B 660 7.77 -1.34 -36.57
C THR B 660 7.52 -1.12 -38.05
N GLU B 661 8.53 -0.70 -38.82
CA GLU B 661 8.36 -0.52 -40.25
C GLU B 661 8.20 -1.87 -40.93
N ASN B 662 9.13 -2.79 -40.65
CA ASN B 662 9.03 -4.13 -41.23
C ASN B 662 7.74 -4.83 -40.80
N HIS B 663 7.48 -4.78 -39.51
CA HIS B 663 6.31 -5.43 -38.93
C HIS B 663 5.03 -4.75 -39.40
N ILE B 664 5.12 -3.47 -39.77
CA ILE B 664 3.97 -2.75 -40.31
C ILE B 664 3.69 -3.19 -41.72
N LYS B 665 4.74 -3.43 -42.50
CA LYS B 665 4.53 -3.96 -43.83
C LYS B 665 3.83 -5.31 -43.74
N ASP B 666 4.35 -6.17 -42.86
CA ASP B 666 3.78 -7.51 -42.70
C ASP B 666 2.36 -7.50 -42.15
N ALA B 667 2.11 -6.67 -41.15
CA ALA B 667 0.81 -6.61 -40.49
C ALA B 667 -0.25 -5.90 -41.34
N ILE B 668 0.14 -4.84 -42.02
CA ILE B 668 -0.76 -4.13 -42.92
C ILE B 668 -1.14 -5.05 -44.08
N TYR B 669 -0.18 -5.86 -44.52
CA TYR B 669 -0.48 -6.86 -45.53
C TYR B 669 -1.44 -7.91 -44.96
N GLY B 670 -1.24 -8.26 -43.70
CA GLY B 670 -2.03 -9.27 -43.02
C GLY B 670 -3.47 -8.92 -42.71
N LEU B 671 -3.74 -7.66 -42.38
CA LEU B 671 -5.06 -7.21 -41.93
C LEU B 671 -6.17 -7.48 -42.94
N GLU B 672 -5.88 -7.21 -44.21
CA GLU B 672 -6.81 -7.46 -45.32
C GLU B 672 -8.11 -6.65 -45.24
N ASP B 673 -8.17 -5.70 -44.31
CA ASP B 673 -9.31 -4.79 -44.17
C ASP B 673 -10.66 -5.50 -44.02
N ASP B 674 -10.69 -6.60 -43.28
CA ASP B 674 -11.92 -7.34 -43.06
C ASP B 674 -12.79 -6.70 -41.97
N VAL B 675 -12.37 -5.53 -41.49
CA VAL B 675 -13.07 -4.84 -40.41
C VAL B 675 -12.65 -3.39 -40.32
N THR B 676 -13.45 -2.59 -39.62
CA THR B 676 -13.18 -1.16 -39.47
C THR B 676 -11.88 -0.90 -38.71
N VAL B 677 -11.14 0.10 -39.17
CA VAL B 677 -9.84 0.43 -38.59
C VAL B 677 -9.75 1.91 -38.21
N ILE B 678 -9.37 2.18 -36.96
CA ILE B 678 -9.20 3.54 -36.49
C ILE B 678 -7.72 3.84 -36.33
N ILE B 679 -7.32 5.08 -36.61
CA ILE B 679 -5.93 5.46 -36.44
C ILE B 679 -5.76 6.69 -35.56
N ILE B 680 -5.02 6.51 -34.46
CA ILE B 680 -4.68 7.63 -33.60
C ILE B 680 -3.23 8.03 -33.86
N ALA B 681 -2.79 7.87 -35.10
CA ALA B 681 -1.41 8.15 -35.47
C ALA B 681 -1.25 9.57 -36.00
N HIS B 682 -0.05 10.12 -35.84
CA HIS B 682 0.27 11.44 -36.36
C HIS B 682 1.12 11.33 -37.63
N ARG B 683 1.73 10.16 -37.83
CA ARG B 683 2.57 9.92 -39.00
C ARG B 683 1.70 9.88 -40.25
N LEU B 684 1.68 10.98 -40.98
CA LEU B 684 0.80 11.13 -42.14
C LEU B 684 1.04 10.17 -43.29
N SER B 685 2.29 9.85 -43.59
CA SER B 685 2.60 8.96 -44.72
C SER B 685 2.21 7.50 -44.46
N THR B 686 2.46 7.03 -43.25
CA THR B 686 2.22 5.63 -42.89
C THR B 686 0.71 5.41 -42.82
N ILE B 687 0.00 6.46 -42.41
CA ILE B 687 -1.46 6.38 -42.33
C ILE B 687 -2.02 6.63 -43.73
N VAL B 688 -1.22 7.27 -44.57
CA VAL B 688 -1.59 7.55 -45.96
C VAL B 688 -1.63 6.24 -46.72
N ASN B 689 -0.76 5.30 -46.32
CA ASN B 689 -0.75 3.98 -46.92
C ASN B 689 -2.09 3.26 -46.80
N CYS B 690 -2.89 3.64 -45.82
CA CYS B 690 -4.20 3.03 -45.57
C CYS B 690 -5.22 3.31 -46.69
N ASP B 691 -6.36 2.64 -46.62
CA ASP B 691 -7.39 2.72 -47.64
C ASP B 691 -8.08 4.08 -47.71
N LYS B 692 -8.68 4.50 -46.61
CA LYS B 692 -9.43 5.76 -46.55
C LYS B 692 -8.96 6.58 -45.36
N ILE B 693 -9.18 7.88 -45.38
CA ILE B 693 -8.71 8.74 -44.30
C ILE B 693 -9.73 9.77 -43.82
N TYR B 694 -9.70 10.03 -42.51
CA TYR B 694 -10.52 11.09 -41.91
C TYR B 694 -9.60 12.13 -41.28
N LEU B 695 -10.07 13.37 -41.20
CA LEU B 695 -9.25 14.46 -40.70
C LEU B 695 -9.85 15.14 -39.47
N LEU B 696 -9.04 15.30 -38.43
CA LEU B 696 -9.46 15.99 -37.22
C LEU B 696 -8.70 17.31 -37.06
N LYS B 697 -9.43 18.42 -37.14
CA LYS B 697 -8.80 19.73 -37.03
C LYS B 697 -9.52 20.63 -36.03
N ASP B 698 -8.77 21.10 -35.03
CA ASP B 698 -9.28 22.01 -34.01
C ASP B 698 -10.51 21.46 -33.28
N GLY B 699 -10.57 20.14 -33.14
CA GLY B 699 -11.67 19.51 -32.44
C GLY B 699 -12.87 19.28 -33.33
N GLU B 700 -12.71 19.53 -34.63
CA GLU B 700 -13.79 19.34 -35.59
C GLU B 700 -13.30 18.59 -36.82
N ILE B 701 -14.15 17.70 -37.34
CA ILE B 701 -13.81 16.94 -38.53
C ILE B 701 -13.97 17.80 -39.78
N VAL B 702 -12.96 17.81 -40.63
CA VAL B 702 -12.95 18.64 -41.82
C VAL B 702 -13.55 17.90 -43.02
N GLU B 703 -12.82 16.92 -43.53
CA GLU B 703 -13.27 16.17 -44.69
C GLU B 703 -12.78 14.73 -44.67
N SER B 704 -13.66 13.80 -45.04
CA SER B 704 -13.29 12.40 -45.15
C SER B 704 -12.98 12.05 -46.60
N GLY B 705 -11.90 11.29 -46.81
CA GLY B 705 -11.50 10.91 -48.14
C GLY B 705 -10.15 10.23 -48.16
N SER B 706 -9.50 10.21 -49.32
CA SER B 706 -8.18 9.60 -49.44
C SER B 706 -7.09 10.67 -49.47
N HIS B 707 -5.83 10.24 -49.41
CA HIS B 707 -4.70 11.15 -49.41
C HIS B 707 -4.67 12.02 -50.66
N THR B 708 -4.92 11.39 -51.81
CA THR B 708 -4.92 12.08 -53.09
C THR B 708 -5.98 13.17 -53.16
N GLU B 709 -7.21 12.81 -52.84
CA GLU B 709 -8.33 13.75 -52.89
C GLU B 709 -8.20 14.87 -51.87
N LEU B 710 -7.68 14.54 -50.69
CA LEU B 710 -7.51 15.52 -49.63
C LEU B 710 -6.40 16.51 -49.94
N ILE B 711 -5.30 16.00 -50.51
CA ILE B 711 -4.18 16.86 -50.88
C ILE B 711 -4.54 17.73 -52.09
N ALA B 712 -5.27 17.15 -53.03
CA ALA B 712 -5.70 17.88 -54.22
C ALA B 712 -6.82 18.86 -53.90
N LEU B 713 -7.48 18.66 -52.76
CA LEU B 713 -8.56 19.52 -52.33
C LEU B 713 -8.08 20.95 -52.07
N LYS B 714 -6.80 21.07 -51.72
CA LYS B 714 -6.17 22.35 -51.44
C LYS B 714 -6.87 23.09 -50.30
N GLY B 715 -7.10 22.37 -49.20
CA GLY B 715 -7.77 22.94 -48.05
C GLY B 715 -6.80 23.15 -46.90
N CYS B 716 -7.09 22.52 -45.76
CA CYS B 716 -6.24 22.66 -44.58
C CYS B 716 -5.24 21.51 -44.49
N TYR B 717 -5.65 20.33 -44.92
CA TYR B 717 -4.77 19.16 -44.93
C TYR B 717 -3.61 19.36 -45.90
N PHE B 718 -3.89 20.01 -47.02
CA PHE B 718 -2.87 20.34 -48.01
C PHE B 718 -1.89 21.35 -47.43
N LYS B 719 -2.42 22.28 -46.64
CA LYS B 719 -1.61 23.27 -45.95
C LYS B 719 -0.71 22.60 -44.91
N MET B 720 -1.26 21.60 -44.23
CA MET B 720 -0.51 20.83 -43.24
C MET B 720 0.63 20.06 -43.91
N TRP B 721 0.33 19.45 -45.05
CA TRP B 721 1.31 18.67 -45.80
C TRP B 721 2.39 19.59 -46.38
N LYS B 722 1.99 20.80 -46.75
CA LYS B 722 2.94 21.79 -47.24
C LYS B 722 3.84 22.25 -46.09
N GLN B 723 3.26 22.36 -44.90
CA GLN B 723 3.99 22.82 -43.73
C GLN B 723 4.93 21.77 -43.13
N THR B 724 4.63 20.49 -43.34
CA THR B 724 5.44 19.43 -42.75
C THR B 724 6.04 18.46 -43.77
N GLU B 725 5.26 18.05 -44.75
CA GLU B 725 5.73 17.09 -45.74
C GLU B 725 6.22 17.80 -47.00
PG AGS C . 12.91 3.74 -27.30
S1G AGS C . 11.10 3.59 -26.65
O2G AGS C . 13.90 4.01 -26.12
O3G AGS C . 12.96 4.96 -28.28
PB AGS C . 14.77 1.88 -28.00
O1B AGS C . 15.37 2.01 -29.35
O2B AGS C . 15.42 2.74 -26.92
O3B AGS C . 13.28 2.41 -28.04
PA AGS C . 13.85 -0.21 -26.41
O1A AGS C . 12.77 0.73 -26.06
O2A AGS C . 13.13 -1.44 -26.98
O3A AGS C . 14.86 0.35 -27.54
O5' AGS C . 14.72 -0.57 -25.14
C5' AGS C . 15.21 -1.90 -25.01
C4' AGS C . 16.49 -1.81 -24.21
O4' AGS C . 16.38 -2.66 -23.05
C3' AGS C . 17.76 -2.21 -24.95
O3' AGS C . 18.63 -1.09 -25.05
C2' AGS C . 18.35 -3.34 -24.10
O2' AGS C . 19.77 -3.23 -23.97
C1' AGS C . 17.67 -3.12 -22.75
N9 AGS C . 17.56 -4.32 -21.96
C8 AGS C . 17.28 -5.58 -22.39
N7 AGS C . 17.25 -6.49 -21.44
C5 AGS C . 17.54 -5.77 -20.28
C6 AGS C . 17.67 -6.14 -18.93
N6 AGS C . 17.50 -7.39 -18.50
N1 AGS C . 17.96 -5.17 -18.04
C2 AGS C . 18.12 -3.92 -18.48
N3 AGS C . 18.04 -3.45 -19.74
C4 AGS C . 17.73 -4.43 -20.59
PG AGS D . -1.05 10.27 -29.65
S1G AGS D . -2.75 9.36 -29.97
O2G AGS D . -0.85 11.41 -30.70
O3G AGS D . 0.11 9.24 -29.76
PB AGS D . -1.87 12.24 -27.92
O1B AGS D . -0.92 13.18 -27.28
O2B AGS D . -2.47 12.67 -29.28
O3B AGS D . -1.13 10.86 -28.21
PA AGS D . -4.38 12.92 -27.04
O1A AGS D . -4.82 13.07 -28.44
O2A AGS D . -5.42 12.25 -26.12
O3A AGS D . -3.09 12.02 -26.95
O5' AGS D . -3.99 14.34 -26.45
C5' AGS D . -4.44 14.75 -25.14
C4' AGS D . -5.01 16.15 -25.25
O4' AGS D . -6.43 16.13 -25.01
C3' AGS D . -4.44 17.19 -24.31
O3' AGS D . -4.41 18.47 -24.95
C2' AGS D . -5.40 17.17 -23.11
O2' AGS D . -5.64 18.47 -22.60
C1' AGS D . -6.70 16.57 -23.69
N9 AGS D . -7.20 15.43 -22.92
C8 AGS D . -6.82 14.12 -23.03
N7 AGS D . -7.44 13.31 -22.20
C5 AGS D . -8.29 14.15 -21.50
C6 AGS D . -9.22 13.92 -20.47
N6 AGS D . -9.47 12.71 -19.96
N1 AGS D . -9.91 14.97 -19.99
C2 AGS D . -9.67 16.19 -20.52
N3 AGS D . -8.82 16.52 -21.48
C4 AGS D . -8.15 15.46 -21.94
#